data_5IA0
#
_entry.id   5IA0
#
_cell.length_a   57.035
_cell.length_b   90.149
_cell.length_c   200.590
_cell.angle_alpha   90.00
_cell.angle_beta   90.00
_cell.angle_gamma   90.00
#
_symmetry.space_group_name_H-M   'P 21 21 21'
#
loop_
_entity.id
_entity.type
_entity.pdbx_description
1 polymer 'Ephrin type-A receptor 2'
2 non-polymer alisertib
3 non-polymer 1,2-ETHANEDIOL
4 water water
#
_entity_poly.entity_id   1
_entity_poly.type   'polypeptide(L)'
_entity_poly.pdbx_seq_one_letter_code
;GDPNQAVLKFTTEIHPSCVTRQKVIGAGEFGEVYKGMLKTSSGKKEVPVAIKTLKAGYTEKQRVDFLGEAGIMGQFSHHN
IIRLEGVISKYKPMMIITEYMENGALDKFLREKDGEFSVLQLVGMLRGIAAGMKYLANMNYVHRDLAARNILVNSNLVCK
VSDFGLSRVLEDDPEATYTTSGGKIPIRWTAPEAISYRKFTSASDVWSFGIVMWEVMTYGERPYWELSNHEVMKAINDGF
RLPTPMDCPSAIYQLMMQCWQQERARRPKFADIVSILDKLIRAPDSLKTLADFDPRVSIRLPSTSG
;
_entity_poly.pdbx_strand_id   A,B,C
#
loop_
_chem_comp.id
_chem_comp.type
_chem_comp.name
_chem_comp.formula
A5B non-polymer alisertib 'C27 H20 Cl F N4 O4'
EDO non-polymer 1,2-ETHANEDIOL 'C2 H6 O2'
#
# COMPACT_ATOMS: atom_id res chain seq x y z
N PHE A 10 12.70 -12.04 -3.16
CA PHE A 10 13.92 -12.80 -2.97
C PHE A 10 14.54 -12.53 -1.62
N THR A 11 15.53 -13.36 -1.30
CA THR A 11 16.45 -13.17 -0.20
C THR A 11 17.86 -13.46 -0.70
N THR A 12 18.78 -12.52 -0.51
CA THR A 12 20.16 -12.76 -0.94
C THR A 12 20.67 -14.04 -0.28
N GLU A 13 21.11 -15.00 -1.09
CA GLU A 13 21.72 -16.22 -0.58
C GLU A 13 23.22 -16.00 -0.52
N ILE A 14 23.82 -16.35 0.62
CA ILE A 14 25.21 -16.04 0.91
C ILE A 14 26.00 -17.33 0.91
N HIS A 15 27.20 -17.30 0.35
CA HIS A 15 28.02 -18.51 0.40
C HIS A 15 28.77 -18.56 1.72
N PRO A 16 28.78 -19.71 2.41
CA PRO A 16 29.38 -19.75 3.75
C PRO A 16 30.84 -19.33 3.80
N SER A 17 31.57 -19.39 2.68
CA SER A 17 32.95 -18.93 2.70
C SER A 17 33.06 -17.41 2.85
N CYS A 18 31.97 -16.67 2.69
CA CYS A 18 31.97 -15.22 2.88
C CYS A 18 31.59 -14.81 4.30
N VAL A 19 31.49 -15.75 5.22
CA VAL A 19 31.12 -15.47 6.60
C VAL A 19 32.26 -15.95 7.48
N THR A 20 32.62 -15.16 8.49
CA THR A 20 33.49 -15.62 9.56
C THR A 20 32.75 -15.46 10.88
N ARG A 21 32.52 -16.58 11.59
CA ARG A 21 31.98 -16.48 12.95
C ARG A 21 33.12 -16.20 13.92
N GLN A 22 32.95 -15.17 14.76
CA GLN A 22 34.03 -14.72 15.62
C GLN A 22 33.79 -14.90 17.10
N LYS A 23 32.56 -14.80 17.58
CA LYS A 23 32.31 -14.90 19.00
C LYS A 23 30.86 -15.33 19.20
N VAL A 24 30.64 -16.23 20.16
CA VAL A 24 29.26 -16.58 20.52
C VAL A 24 28.66 -15.46 21.34
N ILE A 25 27.48 -14.98 20.94
CA ILE A 25 26.85 -13.88 21.67
C ILE A 25 25.49 -14.25 22.23
N GLY A 26 25.03 -15.47 22.02
CA GLY A 26 23.78 -15.85 22.66
C GLY A 26 23.28 -17.18 22.16
N ALA A 27 22.19 -17.60 22.79
CA ALA A 27 21.44 -18.79 22.43
C ALA A 27 20.08 -18.36 21.94
N GLY A 28 19.79 -18.64 20.66
CA GLY A 28 18.51 -18.31 20.09
C GLY A 28 17.54 -19.47 20.17
N GLU A 29 16.30 -19.20 19.76
CA GLU A 29 15.28 -20.23 19.68
C GLU A 29 15.75 -21.44 18.86
N PHE A 30 16.51 -21.19 17.80
CA PHE A 30 16.85 -22.24 16.85
C PHE A 30 18.31 -22.68 16.92
N GLY A 31 19.13 -22.03 17.74
CA GLY A 31 20.52 -22.37 17.82
C GLY A 31 21.34 -21.19 18.31
N GLU A 32 22.65 -21.33 18.16
CA GLU A 32 23.59 -20.34 18.64
C GLU A 32 23.61 -19.11 17.74
N VAL A 33 23.86 -17.96 18.36
CA VAL A 33 23.95 -16.68 17.67
C VAL A 33 25.35 -16.15 17.84
N TYR A 34 25.93 -15.63 16.77
CA TYR A 34 27.32 -15.19 16.79
C TYR A 34 27.42 -13.73 16.36
N LYS A 35 28.50 -13.09 16.79
CA LYS A 35 29.02 -11.93 16.10
C LYS A 35 30.07 -12.40 15.09
N GLY A 36 30.03 -11.84 13.89
CA GLY A 36 31.01 -12.21 12.88
C GLY A 36 31.28 -11.14 11.86
N MET A 37 31.89 -11.52 10.74
CA MET A 37 32.14 -10.59 9.63
C MET A 37 31.59 -11.19 8.35
N LEU A 38 31.24 -10.30 7.41
CA LEU A 38 30.67 -10.68 6.12
C LEU A 38 31.40 -9.94 5.00
N LYS A 39 31.82 -10.68 3.99
CA LYS A 39 32.45 -10.13 2.81
C LYS A 39 31.37 -9.98 1.76
N THR A 40 31.35 -8.82 1.09
CA THR A 40 30.26 -8.50 0.21
C THR A 40 30.80 -8.19 -1.19
N LYS A 45 34.43 -4.76 0.88
CA LYS A 45 34.74 -4.37 2.24
C LYS A 45 33.93 -5.20 3.18
N GLU A 46 34.57 -5.67 4.24
CA GLU A 46 34.00 -6.55 5.25
C GLU A 46 33.09 -5.80 6.22
N VAL A 47 31.93 -6.37 6.53
CA VAL A 47 31.02 -5.70 7.46
C VAL A 47 30.70 -6.58 8.67
N PRO A 48 30.71 -6.01 9.87
CA PRO A 48 30.31 -6.78 11.06
C PRO A 48 28.86 -7.18 10.99
N VAL A 49 28.58 -8.43 11.38
CA VAL A 49 27.23 -8.97 11.30
C VAL A 49 26.89 -9.79 12.54
N ALA A 50 25.60 -9.93 12.78
CA ALA A 50 25.07 -10.95 13.65
C ALA A 50 24.65 -12.14 12.81
N ILE A 51 24.89 -13.34 13.34
CA ILE A 51 24.74 -14.60 12.61
C ILE A 51 23.91 -15.54 13.47
N LYS A 52 22.70 -15.85 13.02
CA LYS A 52 21.86 -16.82 13.70
C LYS A 52 21.98 -18.14 12.98
N THR A 53 22.24 -19.22 13.73
CA THR A 53 22.39 -20.51 13.11
C THR A 53 21.21 -21.41 13.49
N LEU A 54 20.90 -22.34 12.59
CA LEU A 54 19.91 -23.38 12.86
C LEU A 54 20.65 -24.63 13.33
N LYS A 55 20.39 -25.01 14.59
CA LYS A 55 21.08 -26.12 15.21
C LYS A 55 20.80 -27.41 14.44
N ALA A 56 21.81 -28.28 14.35
CA ALA A 56 21.62 -29.56 13.69
C ALA A 56 20.56 -30.38 14.41
N GLY A 57 19.81 -31.16 13.63
CA GLY A 57 18.77 -31.99 14.21
C GLY A 57 17.44 -31.27 14.33
N TYR A 58 17.07 -30.53 13.30
CA TYR A 58 15.89 -29.70 13.30
C TYR A 58 14.72 -30.42 12.64
N THR A 59 13.52 -30.13 13.12
CA THR A 59 12.29 -30.58 12.52
C THR A 59 12.02 -29.79 11.26
N GLU A 60 11.20 -30.31 10.35
CA GLU A 60 10.86 -29.52 9.17
C GLU A 60 10.15 -28.24 9.57
N LYS A 61 9.34 -28.30 10.63
CA LYS A 61 8.68 -27.09 11.14
C LYS A 61 9.71 -26.08 11.63
N GLN A 62 10.73 -26.55 12.34
CA GLN A 62 11.76 -25.65 12.84
C GLN A 62 12.53 -25.01 11.69
N ARG A 63 12.84 -25.79 10.65
CA ARG A 63 13.51 -25.23 9.48
C ARG A 63 12.64 -24.18 8.81
N VAL A 64 11.33 -24.44 8.74
CA VAL A 64 10.41 -23.50 8.11
C VAL A 64 10.25 -22.25 8.98
N ASP A 65 10.03 -22.44 10.28
CA ASP A 65 9.97 -21.31 11.20
C ASP A 65 11.25 -20.49 11.13
N PHE A 66 12.41 -21.15 11.24
CA PHE A 66 13.68 -20.45 11.25
C PHE A 66 13.84 -19.57 10.02
N LEU A 67 13.56 -20.12 8.84
CA LEU A 67 13.74 -19.34 7.62
C LEU A 67 12.58 -18.37 7.36
N GLY A 68 11.45 -18.55 8.05
CA GLY A 68 10.37 -17.60 7.92
C GLY A 68 10.71 -16.23 8.49
N GLU A 69 11.45 -16.22 9.60
CA GLU A 69 11.92 -14.96 10.17
C GLU A 69 12.64 -14.12 9.13
N ALA A 70 13.53 -14.76 8.36
CA ALA A 70 14.23 -14.03 7.32
C ALA A 70 13.32 -13.65 6.17
N GLY A 71 12.22 -14.38 5.98
CA GLY A 71 11.29 -14.02 4.94
C GLY A 71 10.55 -12.74 5.26
N ILE A 72 10.02 -12.66 6.49
CA ILE A 72 9.40 -11.43 6.97
C ILE A 72 10.41 -10.28 6.92
N MET A 73 11.53 -10.44 7.63
CA MET A 73 12.53 -9.39 7.74
C MET A 73 13.00 -8.89 6.39
N GLY A 74 13.03 -9.77 5.38
CA GLY A 74 13.48 -9.36 4.07
C GLY A 74 12.53 -8.42 3.35
N GLN A 75 11.26 -8.37 3.78
CA GLN A 75 10.27 -7.49 3.17
C GLN A 75 10.45 -6.02 3.55
N PHE A 76 11.27 -5.72 4.57
CA PHE A 76 11.32 -4.39 5.17
C PHE A 76 12.65 -3.72 4.89
N SER A 77 12.62 -2.41 4.67
CA SER A 77 13.86 -1.65 4.56
C SER A 77 13.62 -0.26 5.15
N HIS A 78 14.11 -0.07 6.38
CA HIS A 78 13.90 1.17 7.13
C HIS A 78 15.06 1.35 8.09
N HIS A 79 15.41 2.62 8.34
N HIS A 79 15.42 2.62 8.32
CA HIS A 79 16.55 2.93 9.20
CA HIS A 79 16.54 2.93 9.21
C HIS A 79 16.37 2.43 10.63
C HIS A 79 16.37 2.26 10.58
N ASN A 80 15.14 2.17 11.06
CA ASN A 80 14.88 1.71 12.42
C ASN A 80 14.32 0.30 12.46
N ILE A 81 14.58 -0.49 11.40
CA ILE A 81 14.25 -1.90 11.34
C ILE A 81 15.54 -2.65 11.00
N ILE A 82 15.79 -3.75 11.70
CA ILE A 82 17.07 -4.43 11.57
C ILE A 82 17.24 -4.92 10.14
N ARG A 83 18.42 -4.69 9.57
CA ARG A 83 18.69 -5.04 8.18
C ARG A 83 19.06 -6.52 8.03
N LEU A 84 18.35 -7.22 7.13
CA LEU A 84 18.74 -8.57 6.73
C LEU A 84 19.83 -8.49 5.67
N GLU A 85 21.01 -9.04 5.97
CA GLU A 85 22.05 -9.08 4.94
C GLU A 85 21.87 -10.28 4.02
N GLY A 86 21.36 -11.39 4.52
CA GLY A 86 21.11 -12.55 3.69
C GLY A 86 21.00 -13.80 4.53
N VAL A 87 20.88 -14.93 3.81
CA VAL A 87 20.70 -16.25 4.43
C VAL A 87 21.68 -17.25 3.80
N ILE A 88 22.02 -18.26 4.59
CA ILE A 88 22.64 -19.48 4.08
C ILE A 88 21.60 -20.57 4.24
N SER A 89 21.02 -21.02 3.12
CA SER A 89 20.03 -22.09 3.14
C SER A 89 20.46 -23.34 2.38
N LYS A 90 21.49 -23.24 1.54
CA LYS A 90 21.97 -24.35 0.72
C LYS A 90 23.03 -25.18 1.41
N TYR A 91 23.63 -24.67 2.49
CA TYR A 91 24.68 -25.35 3.20
C TYR A 91 24.28 -25.46 4.67
N LYS A 92 25.06 -26.23 5.42
CA LYS A 92 24.74 -26.43 6.81
C LYS A 92 25.91 -26.02 7.68
N PRO A 93 25.63 -25.38 8.83
CA PRO A 93 24.26 -25.09 9.30
C PRO A 93 23.66 -23.89 8.56
N MET A 94 22.33 -23.86 8.50
CA MET A 94 21.68 -22.72 7.88
C MET A 94 21.81 -21.49 8.77
N MET A 95 21.93 -20.31 8.16
CA MET A 95 22.26 -19.09 8.88
C MET A 95 21.40 -17.92 8.39
N ILE A 96 21.02 -17.05 9.32
CA ILE A 96 20.43 -15.76 9.01
C ILE A 96 21.43 -14.68 9.41
N ILE A 97 21.87 -13.88 8.45
CA ILE A 97 22.89 -12.85 8.64
C ILE A 97 22.21 -11.49 8.68
N THR A 98 22.38 -10.76 9.79
CA THR A 98 21.80 -9.43 9.95
C THR A 98 22.91 -8.46 10.33
N GLU A 99 22.57 -7.16 10.33
CA GLU A 99 23.54 -6.17 10.77
C GLU A 99 23.83 -6.38 12.26
N TYR A 100 25.09 -6.24 12.64
CA TYR A 100 25.49 -6.34 14.04
C TYR A 100 25.18 -5.03 14.75
N MET A 101 24.69 -5.13 15.98
CA MET A 101 24.32 -3.94 16.74
C MET A 101 25.20 -3.89 17.99
N GLU A 102 26.16 -2.95 18.00
CA GLU A 102 27.26 -3.00 18.96
C GLU A 102 26.77 -2.93 20.41
N ASN A 103 25.67 -2.23 20.67
CA ASN A 103 25.28 -2.04 22.06
C ASN A 103 24.20 -3.02 22.52
N GLY A 104 23.79 -3.96 21.67
CA GLY A 104 22.93 -5.03 22.08
C GLY A 104 21.51 -4.61 22.38
N ALA A 105 20.86 -5.38 23.26
CA ALA A 105 19.44 -5.20 23.56
C ALA A 105 19.20 -3.94 24.39
N LEU A 106 18.12 -3.22 24.06
CA LEU A 106 17.91 -1.89 24.64
C LEU A 106 17.73 -1.93 26.15
N ASP A 107 16.92 -2.87 26.67
CA ASP A 107 16.68 -2.90 28.11
C ASP A 107 17.98 -3.12 28.88
N LYS A 108 18.79 -4.10 28.46
CA LYS A 108 20.07 -4.35 29.12
C LYS A 108 21.05 -3.20 28.93
N PHE A 109 21.08 -2.59 27.74
CA PHE A 109 21.94 -1.44 27.50
C PHE A 109 21.64 -0.31 28.49
N LEU A 110 20.38 0.04 28.65
CA LEU A 110 20.06 1.16 29.53
C LEU A 110 20.27 0.81 31.01
N ARG A 111 20.02 -0.43 31.41
CA ARG A 111 20.31 -0.79 32.81
C ARG A 111 21.79 -0.62 33.12
N GLU A 112 22.66 -1.02 32.19
CA GLU A 112 24.09 -0.85 32.42
C GLU A 112 24.52 0.60 32.39
N LYS A 113 23.71 1.48 31.81
CA LYS A 113 24.03 2.90 31.64
C LYS A 113 23.11 3.78 32.47
N ASP A 114 22.64 3.27 33.61
CA ASP A 114 21.63 3.94 34.41
C ASP A 114 22.03 5.38 34.71
N GLY A 115 21.15 6.32 34.32
CA GLY A 115 21.37 7.74 34.51
C GLY A 115 22.45 8.37 33.65
N GLU A 116 22.95 7.69 32.61
CA GLU A 116 24.08 8.21 31.84
C GLU A 116 23.67 8.85 30.50
N PHE A 117 22.38 9.05 30.22
CA PHE A 117 21.96 9.71 29.00
C PHE A 117 21.19 10.98 29.32
N SER A 118 21.27 11.98 28.42
CA SER A 118 20.38 13.12 28.51
C SER A 118 18.95 12.69 28.14
N VAL A 119 17.96 13.47 28.62
CA VAL A 119 16.58 13.17 28.28
C VAL A 119 16.35 13.34 26.79
N LEU A 120 17.00 14.33 26.17
CA LEU A 120 16.91 14.47 24.73
C LEU A 120 17.40 13.19 24.04
N GLN A 121 18.50 12.62 24.51
CA GLN A 121 19.00 11.41 23.89
C GLN A 121 17.99 10.27 24.01
N LEU A 122 17.39 10.10 25.20
CA LEU A 122 16.40 9.04 25.38
C LEU A 122 15.18 9.25 24.49
N VAL A 123 14.71 10.48 24.37
CA VAL A 123 13.55 10.73 23.52
C VAL A 123 13.89 10.47 22.06
N GLY A 124 15.12 10.81 21.64
CA GLY A 124 15.57 10.47 20.31
C GLY A 124 15.55 8.98 20.03
N MET A 125 15.89 8.15 21.03
CA MET A 125 15.81 6.71 20.85
C MET A 125 14.38 6.27 20.68
N LEU A 126 13.49 6.83 21.49
CA LEU A 126 12.07 6.57 21.36
C LEU A 126 11.55 7.06 20.01
N ARG A 127 12.06 8.18 19.52
CA ARG A 127 11.65 8.64 18.18
C ARG A 127 12.00 7.61 17.11
N GLY A 128 13.20 7.04 17.17
CA GLY A 128 13.59 6.05 16.16
C GLY A 128 12.71 4.81 16.23
N ILE A 129 12.46 4.32 17.44
CA ILE A 129 11.62 3.14 17.60
C ILE A 129 10.23 3.41 17.03
N ALA A 130 9.69 4.59 17.31
CA ALA A 130 8.36 4.94 16.85
C ALA A 130 8.32 5.02 15.33
N ALA A 131 9.41 5.52 14.74
CA ALA A 131 9.50 5.62 13.28
C ALA A 131 9.59 4.24 12.62
N GLY A 132 10.38 3.33 13.19
CA GLY A 132 10.34 1.95 12.71
C GLY A 132 8.96 1.34 12.80
N MET A 133 8.25 1.56 13.90
CA MET A 133 6.92 0.99 14.09
C MET A 133 5.90 1.63 13.16
N LYS A 134 6.04 2.93 12.90
CA LYS A 134 5.20 3.59 11.91
C LYS A 134 5.37 2.96 10.54
N TYR A 135 6.62 2.71 10.16
CA TYR A 135 6.89 2.02 8.91
C TYR A 135 6.23 0.65 8.89
N LEU A 136 6.35 -0.09 9.99
CA LEU A 136 5.75 -1.43 10.01
C LEU A 136 4.25 -1.32 9.85
N ALA A 137 3.62 -0.45 10.63
CA ALA A 137 2.17 -0.31 10.59
C ALA A 137 1.69 0.12 9.19
N ASN A 138 2.45 0.99 8.54
CA ASN A 138 2.10 1.43 7.19
C ASN A 138 2.32 0.34 6.15
N MET A 139 3.03 -0.74 6.50
CA MET A 139 3.10 -1.93 5.69
C MET A 139 2.15 -3.02 6.20
N ASN A 140 1.19 -2.63 7.03
CA ASN A 140 0.18 -3.54 7.61
C ASN A 140 0.81 -4.72 8.35
N TYR A 141 1.97 -4.51 8.95
CA TYR A 141 2.59 -5.53 9.78
C TYR A 141 2.32 -5.24 11.26
N VAL A 142 1.63 -6.14 11.93
CA VAL A 142 1.41 -6.06 13.37
C VAL A 142 2.49 -6.88 14.05
N HIS A 143 3.24 -6.25 14.97
CA HIS A 143 4.41 -6.90 15.54
C HIS A 143 4.04 -7.88 16.65
N ARG A 144 3.14 -7.46 17.57
CA ARG A 144 2.61 -8.26 18.67
C ARG A 144 3.56 -8.52 19.83
N ASP A 145 4.86 -8.26 19.65
CA ASP A 145 5.85 -8.60 20.68
C ASP A 145 6.81 -7.44 20.90
N LEU A 146 6.31 -6.20 20.84
CA LEU A 146 7.17 -5.03 20.99
C LEU A 146 7.50 -4.84 22.45
N ALA A 147 8.80 -4.75 22.75
CA ALA A 147 9.36 -4.68 24.09
C ALA A 147 10.80 -4.26 23.94
N ALA A 148 11.36 -3.65 24.99
CA ALA A 148 12.73 -3.15 24.90
C ALA A 148 13.73 -4.29 24.70
N ARG A 149 13.40 -5.50 25.17
CA ARG A 149 14.30 -6.63 24.92
C ARG A 149 14.38 -7.00 23.44
N ASN A 150 13.40 -6.58 22.65
CA ASN A 150 13.37 -6.86 21.21
C ASN A 150 13.83 -5.68 20.37
N ILE A 151 14.42 -4.67 20.98
CA ILE A 151 15.01 -3.55 20.24
C ILE A 151 16.52 -3.60 20.42
N LEU A 152 17.27 -3.42 19.33
CA LEU A 152 18.72 -3.36 19.37
C LEU A 152 19.22 -1.94 19.14
N VAL A 153 20.43 -1.68 19.63
CA VAL A 153 21.03 -0.36 19.66
C VAL A 153 22.42 -0.47 19.05
N ASN A 154 22.73 0.39 18.08
CA ASN A 154 24.08 0.34 17.50
C ASN A 154 24.98 1.36 18.18
N SER A 155 26.22 1.46 17.70
CA SER A 155 27.20 2.31 18.36
C SER A 155 26.88 3.79 18.23
N ASN A 156 26.03 4.18 17.28
CA ASN A 156 25.59 5.57 17.18
C ASN A 156 24.25 5.79 17.88
N LEU A 157 23.79 4.82 18.67
CA LEU A 157 22.58 4.89 19.49
C LEU A 157 21.31 4.82 18.67
N VAL A 158 21.39 4.42 17.40
CA VAL A 158 20.19 4.15 16.63
C VAL A 158 19.53 2.88 17.16
N CYS A 159 18.22 2.95 17.40
CA CYS A 159 17.47 1.81 17.92
C CYS A 159 16.66 1.19 16.79
N LYS A 160 16.71 -0.13 16.68
CA LYS A 160 16.03 -0.78 15.57
C LYS A 160 15.18 -1.93 16.10
N VAL A 161 13.98 -2.04 15.56
CA VAL A 161 13.10 -3.14 15.95
C VAL A 161 13.62 -4.44 15.33
N SER A 162 13.61 -5.52 16.10
CA SER A 162 13.88 -6.84 15.56
C SER A 162 12.79 -7.79 16.05
N ASP A 163 13.10 -9.08 16.10
CA ASP A 163 12.19 -10.15 16.53
C ASP A 163 10.95 -10.23 15.62
N PHE A 164 11.21 -10.68 14.40
CA PHE A 164 10.15 -10.91 13.41
C PHE A 164 9.88 -12.41 13.27
N GLY A 165 8.94 -12.94 14.05
CA GLY A 165 8.63 -14.35 13.95
C GLY A 165 7.41 -14.74 14.78
N ILE A 185 3.76 -15.90 25.56
CA ILE A 185 2.80 -14.82 25.79
C ILE A 185 3.26 -13.93 26.97
N PRO A 186 3.80 -12.74 26.66
CA PRO A 186 4.24 -11.83 27.74
C PRO A 186 3.19 -10.80 28.08
N ILE A 187 2.52 -11.06 29.21
CA ILE A 187 1.27 -10.36 29.56
C ILE A 187 1.52 -8.87 29.71
N ARG A 188 2.52 -8.49 30.49
CA ARG A 188 2.60 -7.09 30.91
C ARG A 188 3.03 -6.13 29.79
N TRP A 189 3.36 -6.61 28.59
CA TRP A 189 3.59 -5.74 27.44
C TRP A 189 2.41 -5.66 26.48
N THR A 190 1.35 -6.43 26.70
CA THR A 190 0.30 -6.63 25.70
C THR A 190 -0.96 -5.84 26.06
N ALA A 191 -1.60 -5.25 25.05
CA ALA A 191 -2.83 -4.51 25.28
C ALA A 191 -3.94 -5.43 25.79
N PRO A 192 -4.82 -4.95 26.69
CA PRO A 192 -5.82 -5.86 27.30
C PRO A 192 -6.76 -6.51 26.31
N GLU A 193 -7.14 -5.83 25.23
CA GLU A 193 -8.02 -6.44 24.23
C GLU A 193 -7.31 -7.55 23.45
N ALA A 194 -5.98 -7.50 23.37
CA ALA A 194 -5.23 -8.60 22.79
C ALA A 194 -5.13 -9.77 23.77
N ILE A 195 -5.02 -9.50 25.07
CA ILE A 195 -5.00 -10.58 26.05
C ILE A 195 -6.38 -11.24 26.12
N SER A 196 -7.43 -10.44 26.30
CA SER A 196 -8.75 -10.98 26.55
C SER A 196 -9.38 -11.54 25.28
N TYR A 197 -9.26 -10.83 24.16
CA TYR A 197 -10.00 -11.16 22.95
C TYR A 197 -9.11 -11.43 21.74
N ARG A 198 -7.78 -11.50 21.92
CA ARG A 198 -6.83 -11.76 20.82
C ARG A 198 -6.97 -10.76 19.68
N LYS A 199 -7.33 -9.51 19.99
CA LYS A 199 -7.35 -8.45 18.99
C LYS A 199 -5.98 -7.78 18.92
N PHE A 200 -5.11 -8.30 18.05
CA PHE A 200 -3.78 -7.73 17.81
C PHE A 200 -3.83 -6.80 16.60
N THR A 201 -3.57 -5.52 16.84
CA THR A 201 -3.61 -4.51 15.80
C THR A 201 -2.43 -3.59 16.00
N SER A 202 -2.22 -2.67 15.05
CA SER A 202 -1.22 -1.64 15.29
C SER A 202 -1.54 -0.84 16.55
N ALA A 203 -2.84 -0.74 16.91
CA ALA A 203 -3.24 -0.04 18.11
C ALA A 203 -2.78 -0.76 19.36
N SER A 204 -2.77 -2.11 19.32
CA SER A 204 -2.22 -2.83 20.45
C SER A 204 -0.69 -2.78 20.44
N ASP A 205 -0.06 -2.70 19.26
CA ASP A 205 1.36 -2.38 19.24
C ASP A 205 1.60 -1.03 19.90
N VAL A 206 0.67 -0.07 19.77
CA VAL A 206 0.87 1.24 20.38
C VAL A 206 0.91 1.12 21.90
N TRP A 207 0.03 0.28 22.46
CA TRP A 207 0.08 0.01 23.89
C TRP A 207 1.47 -0.49 24.29
N SER A 208 1.98 -1.47 23.55
CA SER A 208 3.32 -1.99 23.80
C SER A 208 4.35 -0.88 23.75
N PHE A 209 4.23 0.01 22.76
CA PHE A 209 5.18 1.11 22.66
C PHE A 209 5.16 1.97 23.91
N GLY A 210 3.98 2.18 24.49
CA GLY A 210 3.90 2.91 25.75
C GLY A 210 4.72 2.24 26.82
N ILE A 211 4.60 0.91 26.95
CA ILE A 211 5.41 0.21 27.94
C ILE A 211 6.89 0.38 27.61
N VAL A 212 7.26 0.37 26.32
CA VAL A 212 8.65 0.58 25.93
C VAL A 212 9.13 1.98 26.34
N MET A 213 8.29 3.00 26.16
CA MET A 213 8.67 4.33 26.63
C MET A 213 9.00 4.28 28.12
N TRP A 214 8.21 3.54 28.88
CA TRP A 214 8.44 3.49 30.33
C TRP A 214 9.71 2.73 30.65
N GLU A 215 9.99 1.65 29.91
CA GLU A 215 11.26 0.95 30.06
C GLU A 215 12.43 1.88 29.78
N VAL A 216 12.32 2.69 28.74
CA VAL A 216 13.42 3.59 28.40
C VAL A 216 13.59 4.67 29.48
N MET A 217 12.48 5.31 29.87
CA MET A 217 12.64 6.43 30.80
C MET A 217 12.99 5.98 32.22
N THR A 218 12.83 4.69 32.56
CA THR A 218 13.28 4.14 33.84
C THR A 218 14.63 3.46 33.74
N TYR A 219 15.28 3.52 32.57
CA TYR A 219 16.55 2.82 32.33
C TYR A 219 16.39 1.32 32.57
N GLY A 220 15.34 0.74 32.01
CA GLY A 220 15.27 -0.70 31.97
C GLY A 220 14.67 -1.35 33.19
N GLU A 221 13.87 -0.62 33.97
CA GLU A 221 13.15 -1.28 35.05
C GLU A 221 12.13 -2.25 34.46
N ARG A 222 11.78 -3.27 35.23
CA ARG A 222 10.81 -4.24 34.75
C ARG A 222 9.40 -3.72 34.97
N PRO A 223 8.56 -3.66 33.94
CA PRO A 223 7.20 -3.12 34.10
C PRO A 223 6.44 -3.86 35.18
N TYR A 224 5.75 -3.09 36.03
CA TYR A 224 4.95 -3.62 37.13
C TYR A 224 5.80 -4.41 38.13
N TRP A 225 7.12 -4.20 38.08
CA TRP A 225 8.10 -4.79 38.99
C TRP A 225 7.84 -6.28 39.11
N GLU A 226 7.51 -6.78 40.29
CA GLU A 226 7.29 -8.22 40.38
C GLU A 226 5.88 -8.56 40.85
N LEU A 227 4.93 -7.65 40.62
CA LEU A 227 3.52 -8.03 40.63
C LEU A 227 3.31 -9.25 39.74
N SER A 228 2.40 -10.13 40.15
CA SER A 228 2.10 -11.30 39.34
C SER A 228 1.35 -10.89 38.07
N ASN A 229 1.42 -11.77 37.07
CA ASN A 229 0.68 -11.54 35.83
C ASN A 229 -0.81 -11.35 36.12
N HIS A 230 -1.33 -12.06 37.11
CA HIS A 230 -2.73 -11.86 37.48
C HIS A 230 -2.95 -10.50 38.13
N GLU A 231 -2.05 -10.09 39.02
CA GLU A 231 -2.17 -8.79 39.64
C GLU A 231 -2.04 -7.68 38.60
N VAL A 232 -1.17 -7.87 37.62
CA VAL A 232 -1.02 -6.90 36.54
C VAL A 232 -2.33 -6.74 35.77
N MET A 233 -2.89 -7.86 35.30
CA MET A 233 -4.15 -7.78 34.55
C MET A 233 -5.25 -7.18 35.41
N LYS A 234 -5.29 -7.55 36.68
CA LYS A 234 -6.32 -7.02 37.57
C LYS A 234 -6.19 -5.52 37.74
N ALA A 235 -4.96 -5.02 37.93
CA ALA A 235 -4.77 -3.59 38.14
C ALA A 235 -5.13 -2.78 36.91
N ILE A 236 -4.81 -3.28 35.72
CA ILE A 236 -5.10 -2.55 34.49
C ILE A 236 -6.61 -2.41 34.30
N ASN A 237 -7.36 -3.47 34.62
CA ASN A 237 -8.82 -3.41 34.50
C ASN A 237 -9.40 -2.40 35.49
N ASP A 238 -8.82 -2.32 36.68
CA ASP A 238 -9.25 -1.36 37.68
C ASP A 238 -8.74 0.04 37.41
N GLY A 239 -7.97 0.25 36.33
CA GLY A 239 -7.51 1.58 35.97
C GLY A 239 -6.12 1.95 36.43
N PHE A 240 -5.40 1.06 37.11
CA PHE A 240 -4.00 1.33 37.44
C PHE A 240 -3.20 1.45 36.16
N ARG A 241 -2.31 2.43 36.12
CA ARG A 241 -1.33 2.58 35.06
C ARG A 241 0.04 2.77 35.71
N LEU A 242 1.10 2.44 34.97
CA LEU A 242 2.44 2.59 35.52
C LEU A 242 2.70 4.05 35.89
N PRO A 243 3.45 4.30 36.97
CA PRO A 243 3.63 5.66 37.47
C PRO A 243 4.77 6.38 36.75
N THR A 244 4.77 7.71 36.91
CA THR A 244 5.71 8.54 36.18
C THR A 244 7.14 8.22 36.60
N PRO A 245 8.05 7.96 35.66
CA PRO A 245 9.45 7.78 36.05
C PRO A 245 10.01 9.10 36.58
N MET A 246 10.97 9.00 37.49
CA MET A 246 11.64 10.18 38.01
C MET A 246 12.31 10.95 36.86
N ASP A 247 12.09 12.25 36.81
CA ASP A 247 12.63 13.19 35.82
C ASP A 247 12.07 12.98 34.42
N CYS A 248 11.03 12.19 34.28
CA CYS A 248 10.38 12.04 32.98
C CYS A 248 9.62 13.31 32.63
N PRO A 249 9.82 13.88 31.45
CA PRO A 249 9.02 15.03 31.04
C PRO A 249 7.52 14.75 31.12
N SER A 250 6.74 15.81 31.42
CA SER A 250 5.28 15.66 31.53
C SER A 250 4.65 15.21 30.22
N ALA A 251 5.07 15.78 29.09
CA ALA A 251 4.49 15.38 27.82
C ALA A 251 4.81 13.93 27.45
N ILE A 252 6.00 13.44 27.84
CA ILE A 252 6.38 12.05 27.57
C ILE A 252 5.53 11.09 28.40
N TYR A 253 5.36 11.37 29.69
CA TYR A 253 4.50 10.50 30.50
C TYR A 253 3.05 10.57 30.05
N GLN A 254 2.55 11.76 29.70
CA GLN A 254 1.18 11.80 29.21
C GLN A 254 1.05 11.08 27.86
N LEU A 255 2.11 11.08 27.04
CA LEU A 255 2.03 10.28 25.82
C LEU A 255 1.92 8.79 26.16
N MET A 256 2.68 8.33 27.16
CA MET A 256 2.53 6.95 27.65
C MET A 256 1.09 6.66 28.00
N MET A 257 0.48 7.51 28.83
CA MET A 257 -0.89 7.33 29.26
C MET A 257 -1.84 7.25 28.07
N GLN A 258 -1.65 8.10 27.07
CA GLN A 258 -2.47 8.03 25.86
C GLN A 258 -2.28 6.70 25.14
N CYS A 259 -1.04 6.19 25.08
CA CYS A 259 -0.82 4.85 24.53
C CYS A 259 -1.54 3.78 25.35
N TRP A 260 -1.78 4.03 26.63
CA TRP A 260 -2.42 3.04 27.50
C TRP A 260 -3.92 3.29 27.70
N GLN A 261 -4.56 4.02 26.80
CA GLN A 261 -6.01 4.15 26.85
C GLN A 261 -6.66 2.78 26.74
N GLN A 262 -7.67 2.54 27.58
CA GLN A 262 -8.35 1.25 27.54
C GLN A 262 -9.03 1.03 26.20
N GLU A 263 -9.63 2.09 25.62
CA GLU A 263 -10.30 1.98 24.33
C GLU A 263 -9.28 2.29 23.24
N ARG A 264 -8.98 1.27 22.42
CA ARG A 264 -7.84 1.33 21.51
C ARG A 264 -7.97 2.44 20.47
N ALA A 265 -9.20 2.82 20.12
CA ALA A 265 -9.38 3.87 19.11
C ALA A 265 -8.95 5.24 19.63
N ARG A 266 -8.82 5.41 20.93
CA ARG A 266 -8.36 6.68 21.48
C ARG A 266 -6.85 6.75 21.63
N ARG A 267 -6.14 5.67 21.32
CA ARG A 267 -4.70 5.71 21.35
C ARG A 267 -4.17 6.47 20.15
N PRO A 268 -3.06 7.19 20.31
CA PRO A 268 -2.40 7.79 19.15
C PRO A 268 -1.98 6.72 18.17
N LYS A 269 -1.90 7.10 16.90
CA LYS A 269 -1.21 6.27 15.93
C LYS A 269 0.30 6.52 16.02
N PHE A 270 1.08 5.62 15.40
CA PHE A 270 2.52 5.81 15.37
C PHE A 270 2.90 7.06 14.59
N ALA A 271 2.20 7.36 13.49
CA ALA A 271 2.41 8.63 12.81
C ALA A 271 2.27 9.83 13.77
N ASP A 272 1.27 9.78 14.66
CA ASP A 272 1.08 10.85 15.66
C ASP A 272 2.21 10.85 16.68
N ILE A 273 2.61 9.67 17.16
CA ILE A 273 3.71 9.58 18.10
C ILE A 273 4.96 10.18 17.50
N VAL A 274 5.29 9.80 16.25
CA VAL A 274 6.47 10.38 15.61
C VAL A 274 6.35 11.89 15.55
N SER A 275 5.18 12.39 15.14
CA SER A 275 5.03 13.84 15.02
C SER A 275 5.15 14.53 16.38
N ILE A 276 4.56 13.94 17.42
CA ILE A 276 4.65 14.52 18.77
C ILE A 276 6.09 14.54 19.26
N LEU A 277 6.80 13.42 19.13
CA LEU A 277 8.18 13.37 19.64
C LEU A 277 9.09 14.34 18.87
N ASP A 278 8.87 14.49 17.56
CA ASP A 278 9.66 15.47 16.82
C ASP A 278 9.41 16.89 17.34
N LYS A 279 8.18 17.22 17.71
CA LYS A 279 7.89 18.55 18.26
C LYS A 279 8.61 18.76 19.58
N LEU A 280 8.63 17.74 20.45
CA LEU A 280 9.33 17.84 21.72
C LEU A 280 10.83 18.03 21.51
N ILE A 281 11.40 17.26 20.57
CA ILE A 281 12.82 17.38 20.28
C ILE A 281 13.14 18.77 19.77
N ARG A 282 12.23 19.35 18.98
CA ARG A 282 12.42 20.68 18.43
C ARG A 282 12.16 21.79 19.44
N ALA A 283 11.50 21.48 20.56
CA ALA A 283 11.31 22.43 21.65
C ALA A 283 11.94 21.81 22.90
N PRO A 284 13.26 21.67 22.91
CA PRO A 284 13.89 20.80 23.91
C PRO A 284 13.76 21.27 25.34
N ASP A 285 13.36 22.52 25.60
CA ASP A 285 13.09 22.93 26.98
C ASP A 285 11.94 22.12 27.57
N SER A 286 10.99 21.68 26.72
CA SER A 286 9.92 20.80 27.13
C SER A 286 10.42 19.51 27.75
N LEU A 287 11.68 19.15 27.50
CA LEU A 287 12.27 17.92 28.00
C LEU A 287 13.12 18.14 29.25
N LYS A 288 13.25 19.38 29.72
CA LYS A 288 14.16 19.64 30.82
C LYS A 288 13.52 19.31 32.16
N THR A 289 14.36 19.00 33.14
CA THR A 289 13.88 18.80 34.51
C THR A 289 14.65 19.75 35.45
N LEU A 290 14.50 19.51 36.76
CA LEU A 290 15.00 20.48 37.74
C LEU A 290 16.52 20.65 37.62
N ALA A 291 17.26 19.54 37.50
CA ALA A 291 18.71 19.60 37.41
C ALA A 291 19.18 20.47 36.24
N ASP A 292 18.37 20.61 35.19
CA ASP A 292 18.72 21.52 34.11
C ASP A 292 18.66 22.99 34.54
N PHE A 293 18.10 23.30 35.70
CA PHE A 293 17.99 24.66 36.21
C PHE A 293 18.66 24.85 37.57
N ASP A 294 19.50 23.88 37.99
CA ASP A 294 20.11 23.87 39.32
C ASP A 294 21.20 22.79 39.34
N PRO A 295 21.83 22.49 40.50
CA PRO A 295 22.54 21.20 40.50
C PRO A 295 21.60 20.00 40.59
N ALA B 6 34.76 -0.59 -24.61
CA ALA B 6 35.19 0.77 -24.89
C ALA B 6 34.09 1.56 -25.62
N VAL B 7 34.42 2.81 -25.98
CA VAL B 7 33.50 3.74 -26.61
C VAL B 7 33.85 3.87 -28.09
N LEU B 8 32.83 4.01 -28.93
CA LEU B 8 33.07 4.48 -30.29
C LEU B 8 33.61 5.90 -30.23
N LYS B 9 34.43 6.26 -31.23
CA LYS B 9 35.12 7.54 -31.18
C LYS B 9 34.70 8.52 -32.25
N PHE B 10 33.77 8.15 -33.13
CA PHE B 10 33.30 9.06 -34.15
C PHE B 10 31.95 8.59 -34.68
N THR B 11 31.31 9.47 -35.44
CA THR B 11 30.10 9.18 -36.19
C THR B 11 30.24 9.75 -37.60
N THR B 12 29.29 9.44 -38.48
CA THR B 12 29.33 9.94 -39.86
C THR B 12 28.88 11.40 -39.93
N GLU B 13 29.65 12.22 -40.63
CA GLU B 13 29.22 13.57 -41.01
C GLU B 13 28.43 13.42 -42.30
N ILE B 14 27.13 13.49 -42.19
CA ILE B 14 26.25 13.13 -43.29
C ILE B 14 26.08 14.33 -44.20
N HIS B 15 26.14 14.09 -45.53
CA HIS B 15 25.88 15.20 -46.43
C HIS B 15 24.37 15.43 -46.55
N PRO B 16 23.90 16.68 -46.50
CA PRO B 16 22.44 16.92 -46.46
C PRO B 16 21.68 16.38 -47.67
N SER B 17 22.35 16.20 -48.82
CA SER B 17 21.68 15.59 -49.97
C SER B 17 21.40 14.11 -49.75
N CYS B 18 21.94 13.51 -48.70
CA CYS B 18 21.67 12.10 -48.43
C CYS B 18 20.46 11.87 -47.53
N VAL B 19 19.75 12.93 -47.14
CA VAL B 19 18.66 12.89 -46.18
C VAL B 19 17.43 13.47 -46.85
N THR B 20 16.28 12.80 -46.71
CA THR B 20 15.02 13.39 -47.12
C THR B 20 14.11 13.49 -45.91
N ARG B 21 13.71 14.71 -45.54
CA ARG B 21 12.68 14.92 -44.53
C ARG B 21 11.30 14.68 -45.13
N GLN B 22 10.49 13.85 -44.46
CA GLN B 22 9.20 13.41 -45.00
C GLN B 22 8.00 13.88 -44.19
N LYS B 23 8.10 13.99 -42.86
CA LYS B 23 6.97 14.38 -42.04
C LYS B 23 7.47 14.97 -40.72
N VAL B 24 6.84 16.08 -40.30
CA VAL B 24 7.08 16.61 -38.95
C VAL B 24 6.48 15.64 -37.93
N ILE B 25 7.28 15.20 -36.97
CA ILE B 25 6.79 14.32 -35.93
C ILE B 25 6.92 14.92 -34.53
N GLY B 26 7.41 16.13 -34.40
CA GLY B 26 7.44 16.71 -33.08
C GLY B 26 8.19 18.02 -33.06
N ALA B 27 8.12 18.67 -31.90
CA ALA B 27 8.87 19.89 -31.62
C ALA B 27 9.86 19.55 -30.52
N GLY B 28 11.13 19.62 -30.84
CA GLY B 28 12.15 19.27 -29.87
C GLY B 28 12.64 20.49 -29.12
N GLU B 29 13.46 20.21 -28.10
CA GLU B 29 14.12 21.28 -27.37
C GLU B 29 14.83 22.27 -28.29
N PHE B 30 15.39 21.81 -29.41
CA PHE B 30 16.22 22.65 -30.28
C PHE B 30 15.59 22.98 -31.63
N GLY B 31 14.45 22.40 -31.94
CA GLY B 31 13.80 22.63 -33.22
C GLY B 31 12.90 21.46 -33.59
N GLU B 32 12.41 21.52 -34.83
CA GLU B 32 11.51 20.48 -35.32
C GLU B 32 12.22 19.13 -35.46
N VAL B 33 11.45 18.07 -35.21
CA VAL B 33 11.87 16.68 -35.41
C VAL B 33 11.03 16.09 -36.52
N TYR B 34 11.69 15.33 -37.40
CA TYR B 34 11.07 14.76 -38.58
C TYR B 34 11.30 13.26 -38.61
N LYS B 35 10.43 12.59 -39.34
CA LYS B 35 10.72 11.27 -39.87
C LYS B 35 11.15 11.46 -41.32
N GLY B 36 12.14 10.70 -41.75
CA GLY B 36 12.60 10.81 -43.11
C GLY B 36 13.39 9.58 -43.50
N MET B 37 14.14 9.70 -44.59
CA MET B 37 14.93 8.58 -45.10
C MET B 37 16.38 9.03 -45.24
N LEU B 38 17.29 8.06 -45.06
CA LEU B 38 18.73 8.30 -45.12
C LEU B 38 19.36 7.37 -46.14
N LYS B 39 20.12 7.93 -47.09
CA LYS B 39 20.93 7.10 -48.00
C LYS B 39 22.26 6.72 -47.34
N THR B 40 22.56 5.42 -47.36
CA THR B 40 23.79 4.90 -46.76
C THR B 40 24.78 4.54 -47.87
N SER B 41 25.33 3.33 -47.91
CA SER B 41 26.27 2.92 -48.95
C SER B 41 26.51 1.42 -48.87
N LYS B 45 20.04 1.88 -50.91
CA LYS B 45 19.19 1.20 -49.93
C LYS B 45 18.89 2.03 -48.65
N GLU B 46 17.88 2.87 -48.79
CA GLU B 46 17.59 3.88 -47.79
C GLU B 46 17.00 3.28 -46.52
N VAL B 47 17.33 3.87 -45.38
CA VAL B 47 16.71 3.43 -44.13
C VAL B 47 15.88 4.56 -43.52
N PRO B 48 14.81 4.25 -42.80
CA PRO B 48 14.03 5.31 -42.16
C PRO B 48 14.74 5.87 -40.94
N VAL B 49 14.66 7.19 -40.75
CA VAL B 49 15.38 7.82 -39.65
C VAL B 49 14.52 8.87 -38.98
N ALA B 50 14.79 9.12 -37.71
CA ALA B 50 14.35 10.34 -37.05
C ALA B 50 15.43 11.39 -37.24
N ILE B 51 15.00 12.63 -37.45
CA ILE B 51 15.87 13.76 -37.83
C ILE B 51 15.55 14.91 -36.89
N LYS B 52 16.46 15.20 -35.96
CA LYS B 52 16.31 16.37 -35.10
C LYS B 52 17.09 17.53 -35.70
N THR B 53 16.45 18.68 -35.81
CA THR B 53 17.11 19.84 -36.41
C THR B 53 17.39 20.91 -35.36
N LEU B 54 18.40 21.72 -35.64
CA LEU B 54 18.76 22.86 -34.81
C LEU B 54 18.28 24.09 -35.56
N LYS B 55 17.28 24.76 -35.01
CA LYS B 55 16.59 25.76 -35.81
C LYS B 55 17.23 27.14 -35.65
N ALA B 56 17.14 27.92 -36.72
CA ALA B 56 17.03 29.39 -36.67
C ALA B 56 18.23 30.02 -35.96
N GLY B 57 18.01 30.88 -34.96
CA GLY B 57 19.07 31.61 -34.33
C GLY B 57 19.48 31.00 -33.01
N TYR B 58 20.20 29.88 -33.10
CA TYR B 58 20.62 29.18 -31.90
C TYR B 58 21.75 29.94 -31.22
N THR B 59 21.80 29.85 -29.89
CA THR B 59 22.98 30.34 -29.20
C THR B 59 24.09 29.29 -29.29
N GLU B 60 25.30 29.70 -28.94
CA GLU B 60 26.38 28.73 -28.95
C GLU B 60 26.23 27.72 -27.83
N LYS B 61 25.51 28.06 -26.76
CA LYS B 61 25.16 27.05 -25.77
C LYS B 61 24.24 26.01 -26.38
N GLN B 62 23.27 26.44 -27.20
CA GLN B 62 22.37 25.50 -27.84
C GLN B 62 23.11 24.64 -28.85
N ARG B 63 24.03 25.22 -29.61
CA ARG B 63 24.82 24.43 -30.53
C ARG B 63 25.61 23.36 -29.80
N VAL B 64 26.27 23.74 -28.71
CA VAL B 64 27.07 22.80 -27.94
C VAL B 64 26.18 21.75 -27.27
N ASP B 65 25.05 22.19 -26.72
CA ASP B 65 24.14 21.22 -26.11
C ASP B 65 23.55 20.30 -27.16
N PHE B 66 23.15 20.87 -28.30
CA PHE B 66 22.59 20.08 -29.39
C PHE B 66 23.53 18.95 -29.78
N LEU B 67 24.78 19.29 -30.13
CA LEU B 67 25.72 18.29 -30.60
C LEU B 67 26.28 17.41 -29.49
N GLY B 68 26.26 17.87 -28.23
CA GLY B 68 26.70 17.02 -27.15
C GLY B 68 25.84 15.79 -26.98
N GLU B 69 24.52 15.94 -27.21
CA GLU B 69 23.64 14.80 -27.30
C GLU B 69 24.19 13.75 -28.27
N ALA B 70 24.57 14.17 -29.47
CA ALA B 70 25.12 13.21 -30.42
C ALA B 70 26.43 12.62 -29.92
N GLY B 71 27.24 13.43 -29.23
CA GLY B 71 28.51 12.96 -28.71
C GLY B 71 28.36 11.90 -27.63
N ILE B 72 27.28 11.99 -26.84
CA ILE B 72 27.01 10.95 -25.86
C ILE B 72 26.44 9.71 -26.53
N MET B 73 25.35 9.89 -27.29
CA MET B 73 24.66 8.76 -27.91
C MET B 73 25.60 7.98 -28.82
N GLY B 74 26.39 8.68 -29.64
CA GLY B 74 27.29 8.07 -30.60
C GLY B 74 28.41 7.23 -30.00
N GLN B 75 28.67 7.36 -28.71
CA GLN B 75 29.68 6.52 -28.06
C GLN B 75 29.16 5.14 -27.71
N PHE B 76 27.85 4.94 -27.74
CA PHE B 76 27.24 3.70 -27.29
C PHE B 76 26.94 2.81 -28.48
N SER B 77 26.89 1.50 -28.22
CA SER B 77 26.44 0.54 -29.22
C SER B 77 25.78 -0.62 -28.48
N HIS B 78 24.44 -0.59 -28.42
CA HIS B 78 23.69 -1.63 -27.73
C HIS B 78 22.31 -1.73 -28.34
N HIS B 79 21.78 -2.95 -28.37
CA HIS B 79 20.49 -3.21 -28.99
C HIS B 79 19.37 -2.38 -28.35
N ASN B 80 19.50 -2.04 -27.07
CA ASN B 80 18.42 -1.32 -26.38
C ASN B 80 18.80 0.11 -26.06
N ILE B 81 19.75 0.67 -26.80
CA ILE B 81 20.14 2.08 -26.77
C ILE B 81 19.96 2.62 -28.19
N ILE B 82 19.25 3.75 -28.32
CA ILE B 82 18.96 4.31 -29.63
C ILE B 82 20.23 4.53 -30.42
N ARG B 83 20.23 4.12 -31.67
CA ARG B 83 21.37 4.25 -32.54
C ARG B 83 21.52 5.61 -33.24
N LEU B 84 22.71 6.17 -33.17
CA LEU B 84 23.03 7.37 -33.94
C LEU B 84 23.49 6.97 -35.33
N GLU B 85 22.82 7.50 -36.36
CA GLU B 85 23.27 7.26 -37.73
C GLU B 85 24.35 8.25 -38.15
N GLY B 86 24.23 9.49 -37.70
CA GLY B 86 25.22 10.50 -38.01
C GLY B 86 24.70 11.89 -37.73
N VAL B 87 25.51 12.87 -38.11
CA VAL B 87 25.27 14.26 -37.81
C VAL B 87 25.49 15.07 -39.06
N ILE B 88 24.70 16.12 -39.23
CA ILE B 88 25.01 17.18 -40.18
C ILE B 88 25.44 18.38 -39.33
N SER B 89 26.74 18.65 -39.29
CA SER B 89 27.27 19.83 -38.60
C SER B 89 27.82 20.89 -39.54
N LYS B 90 28.09 20.56 -40.79
CA LYS B 90 28.75 21.50 -41.72
C LYS B 90 27.77 22.28 -42.57
N TYR B 91 26.48 21.96 -42.51
CA TYR B 91 25.48 22.70 -43.26
C TYR B 91 24.33 23.07 -42.32
N LYS B 92 23.45 23.94 -42.79
CA LYS B 92 22.33 24.41 -41.98
C LYS B 92 21.01 23.99 -42.62
N PRO B 93 20.03 23.60 -41.79
CA PRO B 93 20.18 23.47 -40.33
C PRO B 93 21.00 22.25 -39.95
N MET B 94 21.58 22.29 -38.78
CA MET B 94 22.31 21.16 -38.27
C MET B 94 21.32 20.09 -37.90
N MET B 95 21.73 18.83 -38.01
CA MET B 95 20.82 17.72 -37.77
C MET B 95 21.50 16.59 -37.01
N ILE B 96 20.72 15.93 -36.15
CA ILE B 96 21.11 14.67 -35.53
C ILE B 96 20.14 13.62 -36.05
N ILE B 97 20.70 12.54 -36.59
CA ILE B 97 19.95 11.57 -37.37
C ILE B 97 20.09 10.23 -36.68
N THR B 98 18.97 9.70 -36.21
CA THR B 98 18.94 8.50 -35.39
C THR B 98 18.01 7.49 -36.03
N GLU B 99 18.01 6.26 -35.51
CA GLU B 99 17.09 5.26 -36.03
C GLU B 99 15.66 5.65 -35.73
N TYR B 100 14.77 5.42 -36.68
CA TYR B 100 13.37 5.72 -36.51
C TYR B 100 12.68 4.62 -35.72
N MET B 101 11.84 5.01 -34.78
CA MET B 101 11.17 4.07 -33.87
C MET B 101 9.67 4.18 -34.15
N GLU B 102 9.13 3.19 -34.86
CA GLU B 102 7.79 3.31 -35.44
C GLU B 102 6.70 3.52 -34.40
N ASN B 103 6.86 3.00 -33.20
CA ASN B 103 5.75 3.11 -32.25
C ASN B 103 5.95 4.22 -31.22
N GLY B 104 6.99 5.03 -31.37
CA GLY B 104 7.08 6.25 -30.61
C GLY B 104 7.44 6.00 -29.15
N ALA B 105 7.07 6.98 -28.33
CA ALA B 105 7.37 6.94 -26.90
C ALA B 105 6.58 5.83 -26.21
N LEU B 106 7.25 5.15 -25.28
CA LEU B 106 6.66 3.98 -24.62
C LEU B 106 5.41 4.33 -23.82
N ASP B 107 5.40 5.47 -23.12
CA ASP B 107 4.23 5.74 -22.29
C ASP B 107 2.99 5.99 -23.15
N LYS B 108 3.12 6.81 -24.20
CA LYS B 108 1.99 7.07 -25.09
C LYS B 108 1.54 5.80 -25.80
N PHE B 109 2.49 4.97 -26.20
CA PHE B 109 2.19 3.73 -26.90
C PHE B 109 1.35 2.81 -26.03
N LEU B 110 1.74 2.62 -24.76
CA LEU B 110 0.98 1.73 -23.90
C LEU B 110 -0.40 2.29 -23.58
N ARG B 111 -0.50 3.60 -23.43
CA ARG B 111 -1.82 4.19 -23.19
C ARG B 111 -2.75 3.95 -24.37
N GLU B 112 -2.20 3.95 -25.59
CA GLU B 112 -3.00 3.71 -26.79
C GLU B 112 -3.37 2.24 -26.95
N LYS B 113 -2.56 1.34 -26.40
CA LYS B 113 -2.77 -0.10 -26.49
C LYS B 113 -3.21 -0.68 -25.15
N ASP B 114 -4.00 0.08 -24.37
CA ASP B 114 -4.31 -0.35 -23.01
C ASP B 114 -4.97 -1.73 -23.01
N GLY B 115 -4.37 -2.68 -22.31
CA GLY B 115 -4.89 -4.02 -22.20
C GLY B 115 -4.64 -4.93 -23.39
N GLU B 116 -3.85 -4.51 -24.37
CA GLU B 116 -3.68 -5.28 -25.59
C GLU B 116 -2.37 -6.06 -25.66
N PHE B 117 -1.60 -6.13 -24.57
CA PHE B 117 -0.40 -6.94 -24.53
C PHE B 117 -0.53 -8.04 -23.49
N SER B 118 0.18 -9.13 -23.74
CA SER B 118 0.30 -10.19 -22.77
C SER B 118 1.27 -9.78 -21.68
N VAL B 119 1.15 -10.41 -20.51
CA VAL B 119 2.08 -10.14 -19.42
C VAL B 119 3.51 -10.44 -19.85
N LEU B 120 3.70 -11.50 -20.63
CA LEU B 120 5.04 -11.86 -21.06
C LEU B 120 5.62 -10.81 -21.99
N GLN B 121 4.79 -10.24 -22.85
CA GLN B 121 5.26 -9.17 -23.72
C GLN B 121 5.71 -7.98 -22.91
N LEU B 122 4.90 -7.58 -21.92
CA LEU B 122 5.25 -6.46 -21.05
C LEU B 122 6.57 -6.74 -20.33
N VAL B 123 6.74 -7.95 -19.79
CA VAL B 123 7.97 -8.23 -19.08
C VAL B 123 9.17 -8.23 -20.04
N GLY B 124 8.96 -8.70 -21.28
CA GLY B 124 10.03 -8.63 -22.26
C GLY B 124 10.46 -7.20 -22.53
N MET B 125 9.50 -6.27 -22.57
CA MET B 125 9.87 -4.87 -22.77
C MET B 125 10.71 -4.36 -21.60
N LEU B 126 10.31 -4.68 -20.37
CA LEU B 126 11.11 -4.29 -19.21
C LEU B 126 12.49 -4.91 -19.27
N ARG B 127 12.59 -6.13 -19.78
CA ARG B 127 13.89 -6.79 -19.88
C ARG B 127 14.82 -6.03 -20.83
N GLY B 128 14.31 -5.65 -22.01
CA GLY B 128 15.12 -4.86 -22.94
C GLY B 128 15.57 -3.52 -22.35
N ILE B 129 14.66 -2.82 -21.68
CA ILE B 129 15.04 -1.57 -21.02
C ILE B 129 16.14 -1.83 -19.98
N ALA B 130 15.94 -2.85 -19.13
CA ALA B 130 16.95 -3.15 -18.11
C ALA B 130 18.29 -3.51 -18.75
N ALA B 131 18.26 -4.23 -19.87
CA ALA B 131 19.50 -4.57 -20.58
C ALA B 131 20.22 -3.33 -21.07
N GLY B 132 19.48 -2.38 -21.66
CA GLY B 132 20.08 -1.10 -21.99
C GLY B 132 20.62 -0.36 -20.77
N MET B 133 19.90 -0.43 -19.65
CA MET B 133 20.40 0.25 -18.46
C MET B 133 21.62 -0.47 -17.88
N LYS B 134 21.65 -1.81 -17.94
CA LYS B 134 22.84 -2.54 -17.51
C LYS B 134 24.07 -2.12 -18.30
N TYR B 135 23.95 -2.10 -19.63
CA TYR B 135 25.01 -1.60 -20.49
C TYR B 135 25.45 -0.21 -20.08
N LEU B 136 24.50 0.71 -19.89
CA LEU B 136 24.88 2.08 -19.54
C LEU B 136 25.60 2.13 -18.20
N ALA B 137 25.10 1.41 -17.21
CA ALA B 137 25.71 1.49 -15.88
C ALA B 137 27.14 0.95 -15.93
N ASN B 138 27.38 -0.11 -16.72
CA ASN B 138 28.72 -0.61 -16.90
C ASN B 138 29.61 0.37 -17.64
N MET B 139 29.05 1.18 -18.54
CA MET B 139 29.80 2.26 -19.16
C MET B 139 29.97 3.45 -18.26
N ASN B 140 29.57 3.34 -16.99
CA ASN B 140 29.63 4.43 -16.03
C ASN B 140 28.80 5.64 -16.48
N TYR B 141 27.71 5.41 -17.20
CA TYR B 141 26.79 6.48 -17.59
C TYR B 141 25.57 6.45 -16.67
N VAL B 142 25.37 7.52 -15.92
CA VAL B 142 24.21 7.68 -15.06
C VAL B 142 23.19 8.54 -15.81
N HIS B 143 22.02 7.95 -16.09
CA HIS B 143 21.07 8.59 -17.00
C HIS B 143 20.37 9.78 -16.35
N ARG B 144 19.89 9.60 -15.12
CA ARG B 144 19.26 10.64 -14.30
C ARG B 144 17.82 10.99 -14.69
N ASP B 145 17.37 10.58 -15.88
CA ASP B 145 16.00 10.94 -16.25
C ASP B 145 15.30 9.76 -16.93
N LEU B 146 15.46 8.57 -16.35
CA LEU B 146 14.85 7.36 -16.87
C LEU B 146 13.37 7.37 -16.54
N ALA B 147 12.54 7.22 -17.57
CA ALA B 147 11.09 7.28 -17.49
C ALA B 147 10.56 6.74 -18.82
N ALA B 148 9.31 6.26 -18.82
CA ALA B 148 8.78 5.67 -20.05
C ALA B 148 8.69 6.71 -21.18
N ARG B 149 8.51 7.99 -20.87
CA ARG B 149 8.49 9.00 -21.93
C ARG B 149 9.84 9.14 -22.63
N ASN B 150 10.93 8.63 -22.05
CA ASN B 150 12.24 8.69 -22.67
C ASN B 150 12.69 7.36 -23.25
N ILE B 151 11.78 6.40 -23.34
CA ILE B 151 12.03 5.13 -24.01
C ILE B 151 11.20 5.13 -25.30
N LEU B 152 11.82 4.71 -26.41
CA LEU B 152 11.15 4.58 -27.69
C LEU B 152 10.97 3.10 -28.03
N VAL B 153 9.97 2.82 -28.88
CA VAL B 153 9.55 1.46 -29.20
C VAL B 153 9.47 1.32 -30.71
N ASN B 154 10.16 0.31 -31.27
CA ASN B 154 10.10 0.15 -32.72
C ASN B 154 8.98 -0.82 -33.07
N SER B 155 8.82 -1.12 -34.37
CA SER B 155 7.70 -1.95 -34.79
C SER B 155 7.84 -3.40 -34.36
N ASN B 156 9.02 -3.83 -33.93
CA ASN B 156 9.20 -5.16 -33.37
C ASN B 156 9.06 -5.18 -31.85
N LEU B 157 8.57 -4.08 -31.25
CA LEU B 157 8.39 -3.96 -29.81
C LEU B 157 9.70 -3.91 -29.05
N VAL B 158 10.83 -3.69 -29.72
CA VAL B 158 12.07 -3.48 -28.98
C VAL B 158 12.05 -2.09 -28.36
N CYS B 159 12.34 -2.01 -27.07
CA CYS B 159 12.37 -0.75 -26.33
C CYS B 159 13.81 -0.27 -26.23
N LYS B 160 14.04 1.01 -26.49
CA LYS B 160 15.38 1.56 -26.45
C LYS B 160 15.41 2.86 -25.67
N VAL B 161 16.43 3.00 -24.83
CA VAL B 161 16.61 4.21 -24.03
C VAL B 161 17.09 5.33 -24.96
N SER B 162 16.50 6.50 -24.82
CA SER B 162 17.01 7.69 -25.49
C SER B 162 17.20 8.78 -24.43
N ASP B 163 17.19 10.04 -24.88
CA ASP B 163 17.31 11.23 -24.03
C ASP B 163 18.68 11.28 -23.33
N PHE B 164 19.70 11.47 -24.16
CA PHE B 164 21.06 11.65 -23.66
C PHE B 164 21.48 13.12 -23.73
N GLY B 165 22.22 13.58 -22.74
CA GLY B 165 22.60 14.99 -22.65
C GLY B 165 22.19 15.68 -21.35
N LEU B 166 22.98 16.65 -20.88
CA LEU B 166 22.91 17.10 -19.49
C LEU B 166 21.87 18.20 -19.25
N SER B 167 21.21 18.13 -18.06
CA SER B 167 20.22 19.11 -17.59
C SER B 167 19.90 18.92 -16.10
N ARG B 168 18.79 19.48 -15.60
CA ARG B 168 18.59 19.68 -14.16
C ARG B 168 17.25 19.12 -13.67
N VAL B 169 17.07 19.16 -12.34
CA VAL B 169 15.99 18.46 -11.65
C VAL B 169 14.70 19.27 -11.73
N LEU B 170 13.72 18.74 -12.46
CA LEU B 170 12.46 19.40 -12.80
C LEU B 170 12.71 20.69 -13.58
N ILE B 185 13.88 17.08 -14.84
CA ILE B 185 13.76 15.79 -14.18
C ILE B 185 12.64 15.78 -13.14
N PRO B 186 11.55 15.10 -13.47
CA PRO B 186 10.39 15.07 -12.57
C PRO B 186 10.70 14.34 -11.27
N ILE B 187 10.18 14.89 -10.19
CA ILE B 187 10.50 14.39 -8.86
C ILE B 187 10.01 12.96 -8.68
N ARG B 188 8.83 12.63 -9.20
CA ARG B 188 8.23 11.35 -8.84
C ARG B 188 8.89 10.17 -9.56
N TRP B 189 9.87 10.42 -10.44
CA TRP B 189 10.70 9.36 -10.98
C TRP B 189 12.04 9.23 -10.26
N THR B 190 12.34 10.13 -9.33
CA THR B 190 13.70 10.30 -8.83
C THR B 190 13.87 9.70 -7.44
N ALA B 191 15.01 9.03 -7.24
CA ALA B 191 15.30 8.42 -5.95
C ALA B 191 15.40 9.49 -4.84
N PRO B 192 15.02 9.15 -3.61
CA PRO B 192 15.04 10.18 -2.55
C PRO B 192 16.40 10.81 -2.33
N GLU B 193 17.49 10.03 -2.40
CA GLU B 193 18.82 10.60 -2.17
C GLU B 193 19.24 11.52 -3.31
N ALA B 194 18.78 11.24 -4.54
CA ALA B 194 19.03 12.15 -5.65
C ALA B 194 18.27 13.45 -5.46
N ILE B 195 17.03 13.37 -4.98
CA ILE B 195 16.30 14.59 -4.65
C ILE B 195 16.97 15.31 -3.48
N SER B 196 17.25 14.57 -2.40
CA SER B 196 17.72 15.19 -1.17
C SER B 196 19.14 15.72 -1.31
N TYR B 197 20.08 14.84 -1.68
CA TYR B 197 21.50 15.15 -1.66
C TYR B 197 22.09 15.31 -3.05
N ARG B 198 21.27 15.23 -4.09
CA ARG B 198 21.72 15.29 -5.48
C ARG B 198 22.75 14.21 -5.79
N LYS B 199 22.65 13.07 -5.10
CA LYS B 199 23.56 11.95 -5.33
C LYS B 199 22.96 11.03 -6.39
N PHE B 200 23.27 11.30 -7.65
CA PHE B 200 22.78 10.50 -8.78
C PHE B 200 23.78 9.39 -9.08
N THR B 201 23.29 8.15 -9.07
CA THR B 201 24.10 6.97 -9.29
C THR B 201 23.27 6.01 -10.14
N SER B 202 23.92 4.97 -10.64
CA SER B 202 23.16 3.91 -11.29
C SER B 202 22.12 3.30 -10.35
N ALA B 203 22.29 3.47 -9.04
CA ALA B 203 21.33 2.94 -8.08
C ALA B 203 20.09 3.83 -7.97
N SER B 204 20.25 5.14 -8.15
CA SER B 204 19.07 5.99 -8.27
C SER B 204 18.41 5.83 -9.64
N ASP B 205 19.17 5.45 -10.67
CA ASP B 205 18.55 5.02 -11.92
C ASP B 205 17.70 3.78 -11.70
N VAL B 206 18.15 2.87 -10.82
CA VAL B 206 17.37 1.67 -10.53
C VAL B 206 16.03 2.04 -9.91
N TRP B 207 16.04 2.98 -8.97
CA TRP B 207 14.77 3.49 -8.44
C TRP B 207 13.88 3.94 -9.60
N SER B 208 14.45 4.72 -10.54
CA SER B 208 13.71 5.18 -11.70
C SER B 208 13.17 4.02 -12.51
N PHE B 209 14.01 3.00 -12.74
CA PHE B 209 13.55 1.82 -13.45
C PHE B 209 12.37 1.15 -12.75
N GLY B 210 12.36 1.18 -11.41
CA GLY B 210 11.21 0.65 -10.71
C GLY B 210 9.92 1.36 -11.10
N ILE B 211 9.99 2.69 -11.17
CA ILE B 211 8.82 3.47 -11.58
C ILE B 211 8.39 3.12 -13.00
N VAL B 212 9.37 2.98 -13.91
CA VAL B 212 9.08 2.57 -15.28
C VAL B 212 8.39 1.21 -15.31
N MET B 213 8.84 0.27 -14.47
CA MET B 213 8.12 -0.99 -14.35
C MET B 213 6.65 -0.74 -14.06
N TRP B 214 6.39 0.19 -13.12
CA TRP B 214 5.00 0.47 -12.77
C TRP B 214 4.28 1.15 -13.92
N GLU B 215 4.95 2.07 -14.63
CA GLU B 215 4.35 2.67 -15.81
C GLU B 215 3.97 1.60 -16.83
N VAL B 216 4.87 0.67 -17.11
CA VAL B 216 4.59 -0.37 -18.10
C VAL B 216 3.42 -1.24 -17.64
N MET B 217 3.49 -1.75 -16.41
CA MET B 217 2.45 -2.69 -15.97
C MET B 217 1.09 -2.02 -15.79
N THR B 218 1.02 -0.68 -15.69
CA THR B 218 -0.25 0.03 -15.65
C THR B 218 -0.69 0.56 -17.01
N TYR B 219 0.07 0.29 -18.07
CA TYR B 219 -0.23 0.82 -19.40
C TYR B 219 -0.18 2.35 -19.39
N GLY B 220 0.85 2.89 -18.76
CA GLY B 220 1.10 4.32 -18.85
C GLY B 220 0.32 5.18 -17.90
N GLU B 221 -0.08 4.64 -16.75
CA GLU B 221 -0.65 5.51 -15.73
C GLU B 221 0.42 6.48 -15.22
N ARG B 222 -0.01 7.61 -14.72
CA ARG B 222 0.88 8.57 -14.14
C ARG B 222 1.27 8.10 -12.74
N PRO B 223 2.55 7.99 -12.43
CA PRO B 223 2.94 7.58 -11.08
C PRO B 223 2.36 8.52 -10.03
N TYR B 224 1.76 7.92 -9.00
CA TYR B 224 1.12 8.64 -7.88
C TYR B 224 -0.06 9.50 -8.32
N TRP B 225 -0.58 9.29 -9.54
CA TRP B 225 -1.84 9.87 -10.00
C TRP B 225 -1.75 11.38 -9.83
N GLU B 226 -2.72 12.04 -9.16
CA GLU B 226 -2.76 13.49 -9.03
C GLU B 226 -2.15 13.99 -7.72
N LEU B 227 -1.43 13.15 -6.99
CA LEU B 227 -0.70 13.62 -5.81
C LEU B 227 0.34 14.66 -6.21
N SER B 228 0.51 15.67 -5.36
CA SER B 228 1.51 16.70 -5.60
C SER B 228 2.91 16.15 -5.35
N ASN B 229 3.91 16.85 -5.89
CA ASN B 229 5.31 16.49 -5.59
C ASN B 229 5.55 16.42 -4.09
N HIS B 230 5.00 17.37 -3.33
CA HIS B 230 5.18 17.35 -1.87
C HIS B 230 4.56 16.09 -1.26
N GLU B 231 3.33 15.78 -1.64
CA GLU B 231 2.68 14.57 -1.11
C GLU B 231 3.42 13.30 -1.52
N VAL B 232 4.04 13.30 -2.70
CA VAL B 232 4.77 12.10 -3.13
C VAL B 232 6.01 11.89 -2.27
N MET B 233 6.79 12.96 -2.05
CA MET B 233 7.98 12.82 -1.21
C MET B 233 7.60 12.44 0.21
N LYS B 234 6.55 13.07 0.73
CA LYS B 234 6.01 12.76 2.04
C LYS B 234 5.62 11.29 2.15
N ALA B 235 4.83 10.82 1.18
CA ALA B 235 4.37 9.43 1.23
C ALA B 235 5.55 8.46 1.17
N ILE B 236 6.52 8.74 0.30
CA ILE B 236 7.72 7.90 0.25
C ILE B 236 8.42 7.91 1.60
N ASN B 237 8.66 9.09 2.14
CA ASN B 237 9.28 9.21 3.46
C ASN B 237 8.49 8.45 4.52
N ASP B 238 7.15 8.50 4.44
CA ASP B 238 6.30 7.78 5.40
C ASP B 238 6.39 6.26 5.26
N GLY B 239 7.03 5.75 4.21
CA GLY B 239 7.10 4.33 3.97
C GLY B 239 6.11 3.78 2.95
N PHE B 240 5.21 4.61 2.42
CA PHE B 240 4.26 4.11 1.44
C PHE B 240 4.92 3.99 0.08
N ARG B 241 4.43 3.04 -0.72
CA ARG B 241 4.90 2.84 -2.10
C ARG B 241 3.71 2.72 -3.03
N LEU B 242 3.99 2.81 -4.34
CA LEU B 242 2.94 2.60 -5.32
C LEU B 242 2.34 1.20 -5.14
N PRO B 243 1.04 1.04 -5.30
CA PRO B 243 0.41 -0.28 -5.13
C PRO B 243 0.64 -1.15 -6.35
N THR B 244 0.47 -2.45 -6.13
CA THR B 244 0.53 -3.42 -7.22
C THR B 244 -0.41 -3.00 -8.34
N PRO B 245 0.05 -2.95 -9.58
CA PRO B 245 -0.87 -2.76 -10.71
C PRO B 245 -1.81 -3.94 -10.82
N MET B 246 -2.96 -3.69 -11.42
CA MET B 246 -3.92 -4.77 -11.65
C MET B 246 -3.33 -5.83 -12.56
N ASP B 247 -3.59 -7.09 -12.24
CA ASP B 247 -3.11 -8.25 -12.98
C ASP B 247 -1.58 -8.33 -13.02
N CYS B 248 -0.89 -7.66 -12.12
CA CYS B 248 0.57 -7.71 -12.15
C CYS B 248 1.06 -8.95 -11.42
N PRO B 249 1.93 -9.74 -12.05
CA PRO B 249 2.54 -10.88 -11.35
C PRO B 249 3.19 -10.42 -10.05
N SER B 250 3.13 -11.31 -9.05
CA SER B 250 3.68 -11.00 -7.73
C SER B 250 5.18 -10.74 -7.82
N ALA B 251 5.89 -11.54 -8.60
CA ALA B 251 7.34 -11.39 -8.70
C ALA B 251 7.72 -10.03 -9.28
N ILE B 252 6.94 -9.54 -10.24
CA ILE B 252 7.25 -8.26 -10.87
C ILE B 252 7.05 -7.12 -9.86
N TYR B 253 5.95 -7.15 -9.10
CA TYR B 253 5.74 -6.10 -8.11
C TYR B 253 6.77 -6.18 -7.00
N GLN B 254 7.20 -7.38 -6.62
CA GLN B 254 8.26 -7.50 -5.62
C GLN B 254 9.55 -6.90 -6.14
N LEU B 255 9.82 -7.07 -7.44
CA LEU B 255 11.01 -6.44 -8.01
C LEU B 255 10.91 -4.92 -7.96
N MET B 256 9.73 -4.37 -8.25
CA MET B 256 9.52 -2.92 -8.11
C MET B 256 9.88 -2.44 -6.72
N MET B 257 9.35 -3.13 -5.70
CA MET B 257 9.55 -2.69 -4.33
C MET B 257 11.01 -2.74 -3.96
N GLN B 258 11.74 -3.71 -4.52
CA GLN B 258 13.18 -3.78 -4.30
C GLN B 258 13.87 -2.55 -4.83
N CYS B 259 13.45 -2.07 -6.01
CA CYS B 259 14.04 -0.85 -6.57
C CYS B 259 13.72 0.37 -5.72
N TRP B 260 12.63 0.32 -4.94
CA TRP B 260 12.19 1.49 -4.17
C TRP B 260 12.61 1.44 -2.71
N GLN B 261 13.71 0.75 -2.41
CA GLN B 261 14.24 0.74 -1.05
C GLN B 261 14.93 2.06 -0.75
N GLN B 262 14.63 2.63 0.43
CA GLN B 262 15.28 3.88 0.84
C GLN B 262 16.79 3.78 0.76
N GLU B 263 17.36 2.73 1.34
CA GLU B 263 18.81 2.55 1.35
C GLU B 263 19.23 2.07 -0.03
N ARG B 264 19.95 2.92 -0.75
CA ARG B 264 20.27 2.65 -2.16
C ARG B 264 21.20 1.46 -2.31
N ALA B 265 22.02 1.16 -1.30
CA ALA B 265 22.89 0.00 -1.41
C ALA B 265 22.09 -1.29 -1.45
N ARG B 266 20.90 -1.31 -0.82
CA ARG B 266 20.10 -2.53 -0.84
C ARG B 266 19.37 -2.72 -2.16
N ARG B 267 19.26 -1.69 -2.99
CA ARG B 267 18.59 -1.83 -4.27
C ARG B 267 19.38 -2.79 -5.16
N PRO B 268 18.72 -3.62 -5.95
CA PRO B 268 19.43 -4.48 -6.89
C PRO B 268 20.19 -3.66 -7.92
N LYS B 269 21.16 -4.32 -8.55
CA LYS B 269 21.87 -3.77 -9.69
C LYS B 269 21.12 -4.13 -10.97
N PHE B 270 21.35 -3.31 -12.00
CA PHE B 270 20.75 -3.62 -13.30
C PHE B 270 21.15 -5.00 -13.76
N ALA B 271 22.39 -5.41 -13.52
CA ALA B 271 22.79 -6.78 -13.83
C ALA B 271 21.92 -7.79 -13.07
N ASP B 272 21.63 -7.51 -11.80
CA ASP B 272 20.70 -8.37 -11.06
C ASP B 272 19.30 -8.31 -11.65
N ILE B 273 18.86 -7.11 -12.04
CA ILE B 273 17.51 -6.97 -12.55
C ILE B 273 17.35 -7.76 -13.85
N VAL B 274 18.34 -7.67 -14.75
CA VAL B 274 18.24 -8.44 -16.00
C VAL B 274 18.19 -9.93 -15.71
N SER B 275 18.97 -10.38 -14.72
CA SER B 275 19.03 -11.80 -14.41
C SER B 275 17.69 -12.31 -13.89
N ILE B 276 17.09 -11.57 -12.94
CA ILE B 276 15.79 -11.93 -12.39
C ILE B 276 14.75 -11.99 -13.48
N LEU B 277 14.72 -10.97 -14.37
CA LEU B 277 13.73 -10.94 -15.44
C LEU B 277 13.93 -12.09 -16.41
N ASP B 278 15.18 -12.35 -16.78
CA ASP B 278 15.47 -13.48 -17.68
C ASP B 278 14.95 -14.79 -17.10
N LYS B 279 15.17 -15.01 -15.81
CA LYS B 279 14.65 -16.23 -15.19
C LYS B 279 13.13 -16.28 -15.26
N LEU B 280 12.47 -15.16 -14.95
CA LEU B 280 11.01 -15.14 -15.04
C LEU B 280 10.54 -15.47 -16.46
N ILE B 281 11.27 -14.99 -17.47
CA ILE B 281 10.80 -15.14 -18.85
C ILE B 281 10.94 -16.58 -19.33
N ARG B 282 12.04 -17.22 -18.95
CA ARG B 282 12.29 -18.60 -19.38
C ARG B 282 11.44 -19.64 -18.66
N ALA B 283 10.82 -19.24 -17.56
CA ALA B 283 9.81 -20.04 -16.87
C ALA B 283 8.54 -19.23 -16.70
N PRO B 284 7.77 -19.02 -17.78
CA PRO B 284 6.58 -18.17 -17.68
C PRO B 284 5.56 -18.64 -16.64
N ASP B 285 5.77 -19.80 -16.03
CA ASP B 285 4.91 -20.23 -14.93
C ASP B 285 5.02 -19.29 -13.74
N SER B 286 6.19 -18.68 -13.54
CA SER B 286 6.41 -17.80 -12.41
C SER B 286 5.59 -16.50 -12.49
N LEU B 287 4.76 -16.31 -13.51
CA LEU B 287 4.12 -15.03 -13.78
C LEU B 287 2.60 -15.08 -13.65
N LYS B 288 2.08 -15.93 -12.75
CA LYS B 288 0.65 -15.92 -12.44
C LYS B 288 0.40 -15.76 -10.94
N ALA C 6 -42.61 14.21 -9.17
CA ALA C 6 -41.57 13.24 -9.50
C ALA C 6 -40.68 13.74 -10.64
N VAL C 7 -39.38 13.49 -10.51
CA VAL C 7 -38.40 13.97 -11.47
C VAL C 7 -37.51 12.81 -11.85
N LEU C 8 -36.83 12.96 -12.99
CA LEU C 8 -35.73 12.11 -13.38
C LEU C 8 -34.49 13.00 -13.37
N LYS C 9 -33.50 12.61 -12.56
CA LYS C 9 -32.32 13.44 -12.35
C LYS C 9 -31.21 13.06 -13.32
N PHE C 10 -30.44 14.05 -13.75
CA PHE C 10 -29.27 13.80 -14.56
C PHE C 10 -28.03 13.76 -13.67
N THR C 11 -27.02 13.00 -14.09
CA THR C 11 -25.79 12.90 -13.33
C THR C 11 -24.92 14.11 -13.59
N THR C 12 -24.51 14.78 -12.52
CA THR C 12 -23.66 15.96 -12.63
C THR C 12 -22.32 15.57 -13.27
N GLU C 13 -21.93 16.31 -14.30
CA GLU C 13 -20.67 16.06 -14.99
C GLU C 13 -19.55 16.85 -14.31
N ILE C 14 -18.47 16.18 -13.96
CA ILE C 14 -17.38 16.76 -13.19
C ILE C 14 -16.18 16.96 -14.12
N HIS C 15 -15.57 18.13 -14.03
CA HIS C 15 -14.37 18.31 -14.86
C HIS C 15 -13.19 17.54 -14.24
N PRO C 16 -12.35 16.92 -15.06
CA PRO C 16 -11.23 16.13 -14.52
C PRO C 16 -10.31 16.91 -13.62
N SER C 17 -10.22 18.23 -13.80
CA SER C 17 -9.35 19.02 -12.94
C SER C 17 -9.88 19.14 -11.52
N CYS C 18 -11.13 18.77 -11.28
CA CYS C 18 -11.68 18.81 -9.93
C CYS C 18 -11.42 17.56 -9.11
N VAL C 19 -10.84 16.52 -9.70
CA VAL C 19 -10.72 15.20 -9.06
C VAL C 19 -9.24 14.86 -8.88
N THR C 20 -8.87 14.47 -7.67
CA THR C 20 -7.50 14.06 -7.35
C THR C 20 -7.55 12.64 -6.78
N ARG C 21 -6.92 11.69 -7.48
CA ARG C 21 -6.77 10.36 -6.89
C ARG C 21 -5.56 10.33 -5.97
N GLN C 22 -5.73 9.77 -4.77
CA GLN C 22 -4.66 9.72 -3.79
C GLN C 22 -4.19 8.32 -3.41
N LYS C 23 -5.01 7.29 -3.59
CA LYS C 23 -4.72 5.98 -3.04
C LYS C 23 -5.62 4.95 -3.72
N VAL C 24 -5.07 3.79 -4.06
CA VAL C 24 -5.90 2.66 -4.49
C VAL C 24 -6.53 2.02 -3.25
N ILE C 25 -7.85 1.81 -3.28
CA ILE C 25 -8.53 1.16 -2.16
C ILE C 25 -9.21 -0.14 -2.58
N GLY C 26 -9.02 -0.60 -3.81
CA GLY C 26 -9.59 -1.87 -4.20
C GLY C 26 -9.72 -1.98 -5.70
N ALA C 27 -10.12 -3.16 -6.11
CA ALA C 27 -10.40 -3.49 -7.48
C ALA C 27 -11.88 -3.85 -7.55
N GLY C 28 -12.56 -3.34 -8.56
CA GLY C 28 -13.97 -3.59 -8.73
C GLY C 28 -14.08 -4.40 -9.97
N GLU C 29 -15.26 -4.58 -10.53
CA GLU C 29 -15.35 -5.37 -11.74
C GLU C 29 -14.87 -4.55 -12.90
N PHE C 30 -14.90 -3.24 -12.74
CA PHE C 30 -14.67 -2.35 -13.84
C PHE C 30 -13.28 -1.84 -13.90
N GLY C 31 -12.48 -2.11 -12.87
CA GLY C 31 -11.17 -1.51 -12.71
C GLY C 31 -10.85 -1.11 -11.28
N GLU C 32 -9.95 -0.13 -11.11
CA GLU C 32 -9.50 0.23 -9.77
C GLU C 32 -10.49 1.18 -9.11
N VAL C 33 -10.50 1.15 -7.79
CA VAL C 33 -11.26 2.09 -6.98
C VAL C 33 -10.27 2.90 -6.16
N TYR C 34 -10.42 4.22 -6.18
CA TYR C 34 -9.50 5.11 -5.50
C TYR C 34 -10.20 5.86 -4.38
N LYS C 35 -9.42 6.23 -3.37
CA LYS C 35 -9.78 7.33 -2.50
C LYS C 35 -9.12 8.60 -3.03
N GLY C 36 -9.85 9.70 -3.00
CA GLY C 36 -9.31 10.98 -3.43
C GLY C 36 -10.09 12.15 -2.87
N MET C 37 -9.88 13.31 -3.47
CA MET C 37 -10.58 14.55 -3.10
C MET C 37 -11.27 15.14 -4.32
N LEU C 38 -12.42 15.76 -4.08
CA LEU C 38 -13.21 16.42 -5.11
C LEU C 38 -13.36 17.90 -4.76
N LYS C 39 -12.93 18.79 -5.65
CA LYS C 39 -13.11 20.21 -5.45
C LYS C 39 -14.55 20.61 -5.65
N THR C 40 -15.11 21.34 -4.69
CA THR C 40 -16.49 21.81 -4.77
C THR C 40 -16.60 23.31 -4.50
N GLY C 43 -14.88 26.12 -6.37
CA GLY C 43 -13.70 25.44 -5.86
C GLY C 43 -13.30 25.94 -4.48
N LYS C 44 -14.28 26.03 -3.58
CA LYS C 44 -14.11 26.64 -2.28
C LYS C 44 -13.89 25.64 -1.14
N LYS C 45 -14.06 24.34 -1.41
CA LYS C 45 -13.79 23.34 -0.39
C LYS C 45 -13.58 21.98 -1.07
N GLU C 46 -12.94 21.06 -0.33
CA GLU C 46 -12.59 19.74 -0.81
C GLU C 46 -13.30 18.67 0.00
N VAL C 47 -13.94 17.73 -0.68
CA VAL C 47 -14.57 16.60 -0.01
C VAL C 47 -13.82 15.32 -0.36
N PRO C 48 -13.62 14.40 0.59
CA PRO C 48 -13.06 13.09 0.23
C PRO C 48 -14.08 12.24 -0.53
N VAL C 49 -13.61 11.50 -1.54
CA VAL C 49 -14.49 10.73 -2.40
C VAL C 49 -13.90 9.34 -2.66
N ALA C 50 -14.78 8.42 -3.02
CA ALA C 50 -14.38 7.20 -3.70
C ALA C 50 -14.55 7.39 -5.20
N ILE C 51 -13.59 6.91 -5.97
CA ILE C 51 -13.53 7.14 -7.40
C ILE C 51 -13.41 5.78 -8.07
N LYS C 52 -14.42 5.39 -8.83
CA LYS C 52 -14.41 4.13 -9.56
C LYS C 52 -14.10 4.44 -11.03
N THR C 53 -13.11 3.79 -11.59
CA THR C 53 -12.71 4.04 -12.94
C THR C 53 -13.01 2.87 -13.85
N LEU C 54 -13.36 3.17 -15.08
CA LEU C 54 -13.70 2.21 -16.10
C LEU C 54 -12.45 1.92 -16.88
N LYS C 55 -11.72 0.92 -16.45
CA LYS C 55 -10.42 0.71 -17.01
C LYS C 55 -10.42 -0.50 -17.90
N ALA C 56 -10.92 -0.33 -19.12
CA ALA C 56 -11.18 -1.46 -20.01
C ALA C 56 -10.23 -1.44 -21.20
N THR C 59 -14.93 -3.81 -23.87
CA THR C 59 -16.32 -4.17 -24.12
C THR C 59 -17.26 -3.02 -23.81
N GLU C 60 -17.91 -2.50 -24.84
CA GLU C 60 -18.94 -1.47 -24.67
C GLU C 60 -20.09 -1.97 -23.79
N LYS C 61 -20.09 -3.25 -23.41
CA LYS C 61 -21.02 -3.69 -22.40
C LYS C 61 -20.58 -3.09 -21.07
N GLN C 62 -19.30 -3.02 -20.87
CA GLN C 62 -18.86 -2.49 -19.62
C GLN C 62 -19.33 -1.02 -19.59
N ARG C 63 -19.24 -0.30 -20.69
CA ARG C 63 -19.75 1.06 -20.74
C ARG C 63 -21.23 1.10 -20.39
N VAL C 64 -22.00 0.11 -20.86
CA VAL C 64 -23.42 0.07 -20.53
C VAL C 64 -23.61 -0.13 -19.03
N ASP C 65 -22.84 -1.04 -18.42
CA ASP C 65 -22.96 -1.28 -17.00
C ASP C 65 -22.55 -0.05 -16.21
N PHE C 66 -21.44 0.58 -16.62
CA PHE C 66 -20.96 1.79 -15.96
C PHE C 66 -22.01 2.90 -16.01
N LEU C 67 -22.57 3.14 -17.20
CA LEU C 67 -23.55 4.22 -17.38
C LEU C 67 -24.87 3.90 -16.69
N GLY C 68 -25.21 2.62 -16.59
CA GLY C 68 -26.44 2.25 -15.88
C GLY C 68 -26.30 2.45 -14.38
N GLU C 69 -25.15 2.05 -13.82
CA GLU C 69 -24.90 2.28 -12.40
C GLU C 69 -24.98 3.75 -12.05
N ALA C 70 -24.25 4.59 -12.79
CA ALA C 70 -24.28 6.03 -12.53
C ALA C 70 -25.69 6.58 -12.67
N GLY C 71 -26.42 6.14 -13.70
CA GLY C 71 -27.76 6.67 -13.90
C GLY C 71 -28.71 6.31 -12.79
N ILE C 72 -28.61 5.08 -12.27
CA ILE C 72 -29.44 4.67 -11.14
C ILE C 72 -29.05 5.43 -9.87
N MET C 73 -27.76 5.44 -9.54
CA MET C 73 -27.31 6.14 -8.33
C MET C 73 -27.66 7.61 -8.34
N GLY C 74 -27.64 8.25 -9.51
CA GLY C 74 -27.97 9.66 -9.57
C GLY C 74 -29.41 9.99 -9.25
N GLN C 75 -30.29 8.98 -9.18
CA GLN C 75 -31.69 9.21 -8.82
C GLN C 75 -31.92 9.34 -7.32
N PHE C 76 -30.99 8.85 -6.51
CA PHE C 76 -31.27 8.64 -5.08
C PHE C 76 -30.76 9.79 -4.25
N SER C 77 -31.56 10.20 -3.27
CA SER C 77 -31.09 11.19 -2.30
C SER C 77 -31.67 10.79 -0.94
N HIS C 78 -30.89 10.06 -0.16
CA HIS C 78 -31.37 9.57 1.13
C HIS C 78 -30.18 9.36 2.06
N HIS C 79 -30.40 9.60 3.35
CA HIS C 79 -29.36 9.51 4.37
C HIS C 79 -28.70 8.13 4.40
N ASN C 80 -29.43 7.07 4.08
CA ASN C 80 -28.89 5.71 4.16
C ASN C 80 -28.66 5.09 2.79
N ILE C 81 -28.47 5.92 1.76
CA ILE C 81 -28.11 5.47 0.42
C ILE C 81 -26.86 6.25 0.03
N ILE C 82 -25.83 5.54 -0.45
CA ILE C 82 -24.59 6.17 -0.90
C ILE C 82 -24.92 7.31 -1.89
N ARG C 83 -24.25 8.45 -1.72
CA ARG C 83 -24.49 9.61 -2.59
C ARG C 83 -23.53 9.60 -3.76
N LEU C 84 -24.06 9.83 -4.96
CA LEU C 84 -23.26 10.05 -6.16
C LEU C 84 -22.91 11.54 -6.24
N GLU C 85 -21.61 11.85 -6.22
CA GLU C 85 -21.17 13.23 -6.42
C GLU C 85 -21.25 13.63 -7.90
N GLY C 86 -20.94 12.70 -8.79
CA GLY C 86 -21.00 12.98 -10.21
C GLY C 86 -20.18 11.97 -10.98
N VAL C 87 -19.98 12.26 -12.26
CA VAL C 87 -19.26 11.36 -13.16
C VAL C 87 -18.32 12.16 -14.05
N ILE C 88 -17.26 11.48 -14.51
CA ILE C 88 -16.44 11.93 -15.63
C ILE C 88 -16.77 11.02 -16.80
N SER C 89 -17.51 11.54 -17.77
CA SER C 89 -17.97 10.74 -18.90
C SER C 89 -17.44 11.19 -20.25
N LYS C 90 -17.14 12.48 -20.41
CA LYS C 90 -16.64 13.00 -21.68
C LYS C 90 -15.16 12.65 -21.90
N TYR C 91 -14.38 12.57 -20.82
CA TYR C 91 -12.96 12.27 -20.90
C TYR C 91 -12.69 10.85 -20.43
N LYS C 92 -11.49 10.37 -20.75
CA LYS C 92 -11.10 9.00 -20.42
C LYS C 92 -9.89 9.05 -19.50
N PRO C 93 -9.83 8.14 -18.51
CA PRO C 93 -10.82 7.10 -18.21
C PRO C 93 -12.07 7.68 -17.56
N MET C 94 -13.20 7.02 -17.75
CA MET C 94 -14.43 7.51 -17.14
C MET C 94 -14.46 7.13 -15.66
N MET C 95 -15.17 7.93 -14.87
CA MET C 95 -15.17 7.77 -13.42
C MET C 95 -16.56 7.97 -12.84
N ILE C 96 -16.86 7.16 -11.82
CA ILE C 96 -18.01 7.32 -10.94
C ILE C 96 -17.48 7.83 -9.60
N ILE C 97 -18.01 8.96 -9.15
CA ILE C 97 -17.45 9.63 -8.00
C ILE C 97 -18.52 9.70 -6.91
N THR C 98 -18.30 8.98 -5.81
CA THR C 98 -19.25 8.81 -4.71
C THR C 98 -18.64 9.28 -3.41
N GLU C 99 -19.50 9.46 -2.40
CA GLU C 99 -19.00 9.87 -1.10
C GLU C 99 -18.11 8.78 -0.51
N TYR C 100 -17.03 9.21 0.13
CA TYR C 100 -16.14 8.29 0.81
C TYR C 100 -16.72 7.92 2.17
N MET C 101 -16.50 6.66 2.57
CA MET C 101 -17.05 6.13 3.81
C MET C 101 -15.90 5.63 4.67
N GLU C 102 -15.63 6.35 5.75
CA GLU C 102 -14.40 6.15 6.52
C GLU C 102 -14.23 4.72 7.02
N ASN C 103 -15.31 4.01 7.32
CA ASN C 103 -15.20 2.72 7.97
C ASN C 103 -15.46 1.54 7.05
N GLY C 104 -15.64 1.78 5.75
CA GLY C 104 -15.64 0.68 4.79
C GLY C 104 -16.86 -0.22 4.87
N ALA C 105 -16.67 -1.48 4.45
CA ALA C 105 -17.78 -2.41 4.34
C ALA C 105 -18.25 -2.87 5.71
N LEU C 106 -19.57 -3.00 5.86
CA LEU C 106 -20.16 -3.29 7.15
C LEU C 106 -19.68 -4.62 7.72
N ASP C 107 -19.61 -5.67 6.89
CA ASP C 107 -19.25 -6.99 7.44
C ASP C 107 -17.82 -7.01 7.94
N LYS C 108 -16.88 -6.42 7.20
CA LYS C 108 -15.49 -6.36 7.65
C LYS C 108 -15.34 -5.50 8.90
N PHE C 109 -16.07 -4.39 8.95
CA PHE C 109 -16.03 -3.48 10.09
C PHE C 109 -16.49 -4.17 11.38
N LEU C 110 -17.61 -4.90 11.31
CA LEU C 110 -18.10 -5.55 12.52
C LEU C 110 -17.16 -6.67 12.97
N ARG C 111 -16.61 -7.43 12.04
CA ARG C 111 -15.63 -8.44 12.43
C ARG C 111 -14.45 -7.81 13.15
N GLU C 112 -13.98 -6.67 12.68
CA GLU C 112 -12.89 -6.00 13.35
C GLU C 112 -13.30 -5.50 14.69
N LYS C 113 -14.53 -5.05 14.82
CA LYS C 113 -15.02 -4.49 16.08
C LYS C 113 -15.87 -5.49 16.85
N ASP C 114 -15.57 -6.78 16.75
CA ASP C 114 -16.38 -7.83 17.37
C ASP C 114 -16.71 -7.49 18.83
N GLY C 115 -18.00 -7.50 19.14
CA GLY C 115 -18.48 -7.32 20.50
C GLY C 115 -18.35 -5.94 21.08
N GLU C 116 -17.99 -4.93 20.29
CA GLU C 116 -17.72 -3.60 20.85
C GLU C 116 -18.91 -2.65 20.82
N PHE C 117 -20.05 -3.05 20.26
CA PHE C 117 -21.19 -2.13 20.25
C PHE C 117 -22.28 -2.63 21.19
N SER C 118 -23.12 -1.71 21.64
CA SER C 118 -24.30 -2.14 22.35
C SER C 118 -25.33 -2.68 21.37
N VAL C 119 -26.26 -3.48 21.88
CA VAL C 119 -27.33 -3.98 21.03
C VAL C 119 -28.11 -2.81 20.44
N LEU C 120 -28.30 -1.75 21.22
CA LEU C 120 -29.00 -0.57 20.71
C LEU C 120 -28.27 0.03 19.51
N GLN C 121 -26.94 0.12 19.58
N GLN C 121 -26.94 0.15 19.58
CA GLN C 121 -26.18 0.65 18.44
CA GLN C 121 -26.20 0.67 18.43
C GLN C 121 -26.33 -0.24 17.22
C GLN C 121 -26.39 -0.24 17.22
N LEU C 122 -26.32 -1.57 17.42
CA LEU C 122 -26.50 -2.49 16.30
C LEU C 122 -27.88 -2.35 15.68
N VAL C 123 -28.91 -2.22 16.50
CA VAL C 123 -30.27 -2.06 15.97
C VAL C 123 -30.41 -0.72 15.28
N GLY C 124 -29.70 0.31 15.76
CA GLY C 124 -29.65 1.56 15.03
C GLY C 124 -29.07 1.41 13.64
N MET C 125 -28.05 0.56 13.49
CA MET C 125 -27.51 0.31 12.16
C MET C 125 -28.55 -0.38 11.28
N LEU C 126 -29.18 -1.43 11.80
CA LEU C 126 -30.24 -2.11 11.06
C LEU C 126 -31.38 -1.16 10.73
N ARG C 127 -31.65 -0.19 11.60
CA ARG C 127 -32.72 0.74 11.30
C ARG C 127 -32.35 1.63 10.11
N GLY C 128 -31.12 2.14 10.11
CA GLY C 128 -30.66 2.92 8.97
C GLY C 128 -30.70 2.13 7.66
N ILE C 129 -30.25 0.88 7.69
CA ILE C 129 -30.29 0.05 6.47
C ILE C 129 -31.74 -0.15 6.03
N ALA C 130 -32.62 -0.47 6.97
CA ALA C 130 -34.03 -0.67 6.62
C ALA C 130 -34.63 0.59 6.02
N ALA C 131 -34.23 1.76 6.53
CA ALA C 131 -34.76 3.02 6.01
C ALA C 131 -34.25 3.31 4.59
N GLY C 132 -32.98 3.01 4.32
CA GLY C 132 -32.51 3.05 2.94
C GLY C 132 -33.31 2.13 2.04
N MET C 133 -33.54 0.90 2.50
CA MET C 133 -34.28 -0.05 1.68
C MET C 133 -35.73 0.36 1.51
N LYS C 134 -36.35 0.95 2.54
CA LYS C 134 -37.71 1.44 2.37
C LYS C 134 -37.75 2.48 1.26
N TYR C 135 -36.80 3.41 1.27
CA TYR C 135 -36.68 4.41 0.21
C TYR C 135 -36.52 3.74 -1.15
N LEU C 136 -35.59 2.79 -1.27
CA LEU C 136 -35.41 2.09 -2.53
C LEU C 136 -36.69 1.40 -2.98
N ALA C 137 -37.38 0.72 -2.05
CA ALA C 137 -38.58 0.01 -2.44
C ALA C 137 -39.67 0.97 -2.89
N ASN C 138 -39.79 2.12 -2.21
CA ASN C 138 -40.77 3.12 -2.61
C ASN C 138 -40.43 3.73 -3.96
N MET C 139 -39.13 3.87 -4.27
CA MET C 139 -38.72 4.24 -5.61
C MET C 139 -38.94 3.12 -6.62
N ASN C 140 -39.46 1.98 -6.15
CA ASN C 140 -39.69 0.78 -6.96
C ASN C 140 -38.40 0.18 -7.52
N TYR C 141 -37.30 0.30 -6.77
CA TYR C 141 -36.02 -0.29 -7.14
C TYR C 141 -35.78 -1.55 -6.31
N VAL C 142 -35.60 -2.68 -6.97
CA VAL C 142 -35.28 -3.95 -6.32
C VAL C 142 -33.77 -4.12 -6.38
N HIS C 143 -33.13 -4.29 -5.21
CA HIS C 143 -31.69 -4.26 -5.15
C HIS C 143 -31.06 -5.57 -5.61
N ARG C 144 -31.64 -6.73 -5.20
CA ARG C 144 -31.23 -8.08 -5.58
C ARG C 144 -29.89 -8.56 -5.03
N ASP C 145 -29.13 -7.68 -4.38
CA ASP C 145 -27.82 -8.09 -3.90
C ASP C 145 -27.57 -7.51 -2.51
N LEU C 146 -28.61 -7.42 -1.68
CA LEU C 146 -28.46 -6.81 -0.37
C LEU C 146 -27.69 -7.77 0.55
N ALA C 147 -26.58 -7.29 1.10
CA ALA C 147 -25.70 -8.06 1.96
C ALA C 147 -24.83 -7.08 2.70
N ALA C 148 -24.26 -7.50 3.84
CA ALA C 148 -23.44 -6.58 4.64
C ALA C 148 -22.20 -6.11 3.87
N ARG C 149 -21.63 -6.97 3.02
CA ARG C 149 -20.49 -6.54 2.19
C ARG C 149 -20.84 -5.39 1.25
N ASN C 150 -22.13 -5.19 0.93
CA ASN C 150 -22.59 -4.11 0.06
C ASN C 150 -23.16 -2.91 0.83
N ILE C 151 -22.89 -2.81 2.13
CA ILE C 151 -23.28 -1.68 2.97
C ILE C 151 -22.02 -1.04 3.54
N LEU C 152 -21.91 0.28 3.43
CA LEU C 152 -20.76 1.02 3.91
C LEU C 152 -21.11 1.81 5.18
N VAL C 153 -20.09 2.07 6.00
CA VAL C 153 -20.23 2.68 7.32
C VAL C 153 -19.36 3.93 7.36
N ASN C 154 -19.94 5.07 7.74
CA ASN C 154 -19.12 6.27 7.81
C ASN C 154 -18.58 6.46 9.24
N SER C 155 -17.81 7.53 9.44
CA SER C 155 -17.16 7.74 10.73
C SER C 155 -18.18 7.89 11.85
N ASN C 156 -19.39 8.36 11.54
CA ASN C 156 -20.47 8.48 12.52
C ASN C 156 -21.28 7.19 12.69
N LEU C 157 -20.81 6.06 12.14
CA LEU C 157 -21.46 4.76 12.22
C LEU C 157 -22.76 4.69 11.44
N VAL C 158 -23.01 5.65 10.56
CA VAL C 158 -24.20 5.60 9.71
C VAL C 158 -23.95 4.58 8.61
N CYS C 159 -24.92 3.69 8.38
CA CYS C 159 -24.80 2.67 7.36
C CYS C 159 -25.56 3.10 6.12
N LYS C 160 -24.97 2.85 4.95
CA LYS C 160 -25.57 3.24 3.68
C LYS C 160 -25.49 2.11 2.68
N VAL C 161 -26.60 1.88 1.97
CA VAL C 161 -26.65 0.83 0.97
C VAL C 161 -25.87 1.30 -0.26
N SER C 162 -25.11 0.37 -0.84
CA SER C 162 -24.37 0.67 -2.06
C SER C 162 -24.62 -0.47 -3.05
N ASP C 163 -23.76 -0.55 -4.06
CA ASP C 163 -23.76 -1.63 -5.05
C ASP C 163 -25.06 -1.62 -5.87
N PHE C 164 -25.14 -0.58 -6.70
CA PHE C 164 -26.24 -0.40 -7.64
C PHE C 164 -25.79 -0.71 -9.07
N GLY C 165 -26.76 -0.97 -9.91
CA GLY C 165 -26.52 -1.32 -11.29
C GLY C 165 -27.61 -2.26 -11.79
N LEU C 166 -27.29 -2.96 -12.89
CA LEU C 166 -28.17 -3.98 -13.43
C LEU C 166 -27.51 -5.34 -13.60
N SER C 167 -26.19 -5.40 -13.69
CA SER C 167 -25.43 -6.66 -13.65
C SER C 167 -23.96 -6.33 -13.51
N PRO C 186 -24.96 -15.21 -5.30
CA PRO C 186 -25.27 -14.75 -3.94
C PRO C 186 -26.32 -15.64 -3.28
N ILE C 187 -26.11 -16.96 -3.36
CA ILE C 187 -27.15 -17.93 -3.04
C ILE C 187 -27.68 -17.74 -1.63
N ARG C 188 -26.79 -17.61 -0.64
CA ARG C 188 -27.28 -17.71 0.73
C ARG C 188 -27.90 -16.42 1.24
N TRP C 189 -27.94 -15.37 0.41
CA TRP C 189 -28.65 -14.13 0.71
C TRP C 189 -29.97 -14.02 -0.04
N THR C 190 -30.28 -14.97 -0.90
CA THR C 190 -31.36 -14.82 -1.86
C THR C 190 -32.57 -15.66 -1.46
N ALA C 191 -33.76 -15.06 -1.55
CA ALA C 191 -35.00 -15.75 -1.23
C ALA C 191 -35.20 -16.96 -2.14
N PRO C 192 -35.96 -17.95 -1.69
CA PRO C 192 -36.17 -19.16 -2.52
C PRO C 192 -36.83 -18.88 -3.87
N GLU C 193 -37.94 -18.13 -3.89
CA GLU C 193 -38.63 -17.86 -5.14
C GLU C 193 -37.75 -17.13 -6.14
N ALA C 194 -36.74 -16.40 -5.66
CA ALA C 194 -35.82 -15.74 -6.58
C ALA C 194 -34.81 -16.71 -7.15
N ILE C 195 -34.33 -17.64 -6.32
CA ILE C 195 -33.45 -18.69 -6.83
C ILE C 195 -34.20 -19.57 -7.82
N SER C 196 -35.41 -20.00 -7.44
CA SER C 196 -36.12 -21.01 -8.22
C SER C 196 -36.81 -20.45 -9.46
N TYR C 197 -37.24 -19.18 -9.43
CA TYR C 197 -37.98 -18.62 -10.55
C TYR C 197 -37.44 -17.30 -11.07
N ARG C 198 -36.33 -16.80 -10.53
CA ARG C 198 -35.83 -15.47 -10.87
C ARG C 198 -36.86 -14.39 -10.55
N LYS C 199 -37.75 -14.67 -9.60
CA LYS C 199 -38.72 -13.70 -9.10
C LYS C 199 -38.03 -12.80 -8.07
N PHE C 200 -37.63 -11.61 -8.51
CA PHE C 200 -36.92 -10.66 -7.67
C PHE C 200 -37.86 -9.48 -7.39
N THR C 201 -38.24 -9.32 -6.12
CA THR C 201 -39.09 -8.23 -5.69
C THR C 201 -38.51 -7.58 -4.45
N SER C 202 -39.13 -6.49 -4.03
CA SER C 202 -38.82 -5.93 -2.72
C SER C 202 -39.03 -6.97 -1.61
N ALA C 203 -39.95 -7.92 -1.82
CA ALA C 203 -40.16 -8.96 -0.81
C ALA C 203 -38.99 -9.94 -0.77
N SER C 204 -38.34 -10.19 -1.90
CA SER C 204 -37.12 -10.98 -1.84
C SER C 204 -35.96 -10.17 -1.27
N ASP C 205 -35.92 -8.85 -1.50
CA ASP C 205 -34.95 -8.01 -0.79
C ASP C 205 -35.16 -8.09 0.73
N VAL C 206 -36.41 -8.24 1.17
CA VAL C 206 -36.69 -8.35 2.60
C VAL C 206 -36.05 -9.60 3.18
N TRP C 207 -36.15 -10.73 2.46
CA TRP C 207 -35.44 -11.93 2.86
C TRP C 207 -33.95 -11.63 3.05
N SER C 208 -33.32 -11.00 2.05
CA SER C 208 -31.92 -10.62 2.15
C SER C 208 -31.68 -9.74 3.37
N PHE C 209 -32.61 -8.84 3.67
CA PHE C 209 -32.40 -7.97 4.82
C PHE C 209 -32.42 -8.77 6.12
N GLY C 210 -33.28 -9.78 6.20
CA GLY C 210 -33.20 -10.73 7.31
C GLY C 210 -31.81 -11.33 7.46
N ILE C 211 -31.21 -11.76 6.34
CA ILE C 211 -29.85 -12.27 6.42
C ILE C 211 -28.89 -11.21 6.93
N VAL C 212 -29.01 -9.97 6.41
CA VAL C 212 -28.18 -8.87 6.87
C VAL C 212 -28.34 -8.67 8.39
N MET C 213 -29.56 -8.80 8.91
CA MET C 213 -29.75 -8.66 10.35
C MET C 213 -28.91 -9.68 11.09
N TRP C 214 -28.94 -10.93 10.61
CA TRP C 214 -28.15 -11.98 11.22
C TRP C 214 -26.65 -11.68 11.11
N GLU C 215 -26.20 -11.19 9.95
CA GLU C 215 -24.81 -10.76 9.81
C GLU C 215 -24.47 -9.69 10.84
N VAL C 216 -25.36 -8.71 11.04
CA VAL C 216 -25.03 -7.65 11.98
C VAL C 216 -25.01 -8.21 13.40
N MET C 217 -25.99 -9.02 13.75
CA MET C 217 -26.06 -9.44 15.15
C MET C 217 -25.01 -10.47 15.53
N THR C 218 -24.37 -11.11 14.55
CA THR C 218 -23.24 -12.00 14.77
C THR C 218 -21.90 -11.32 14.57
N TYR C 219 -21.87 -10.01 14.32
CA TYR C 219 -20.63 -9.27 14.06
C TYR C 219 -19.86 -9.88 12.87
N GLY C 220 -20.60 -10.13 11.79
CA GLY C 220 -19.96 -10.45 10.52
C GLY C 220 -19.71 -11.92 10.28
N GLU C 221 -20.41 -12.81 10.97
CA GLU C 221 -20.29 -14.22 10.68
C GLU C 221 -20.83 -14.52 9.30
N ARG C 222 -20.30 -15.55 8.69
CA ARG C 222 -20.77 -15.91 7.36
C ARG C 222 -22.03 -16.75 7.47
N PRO C 223 -23.11 -16.35 6.80
CA PRO C 223 -24.37 -17.08 6.96
C PRO C 223 -24.22 -18.51 6.49
N TYR C 224 -24.78 -19.43 7.28
CA TYR C 224 -24.67 -20.87 7.04
C TYR C 224 -23.23 -21.32 7.01
N TRP C 225 -22.36 -20.55 7.66
CA TRP C 225 -20.92 -20.81 7.77
C TRP C 225 -20.36 -21.35 6.48
N GLU C 226 -19.83 -22.58 6.49
CA GLU C 226 -19.25 -23.12 5.27
C GLU C 226 -20.01 -24.33 4.75
N LEU C 227 -21.32 -24.39 5.05
CA LEU C 227 -22.22 -25.27 4.33
C LEU C 227 -22.12 -24.98 2.84
N SER C 228 -22.24 -26.03 2.03
CA SER C 228 -22.27 -25.86 0.59
C SER C 228 -23.53 -25.09 0.19
N ASN C 229 -23.45 -24.39 -0.94
CA ASN C 229 -24.63 -23.73 -1.47
C ASN C 229 -25.77 -24.71 -1.69
N HIS C 230 -25.44 -25.96 -2.04
CA HIS C 230 -26.47 -26.98 -2.15
C HIS C 230 -27.00 -27.38 -0.77
N GLU C 231 -26.10 -27.49 0.21
CA GLU C 231 -26.54 -27.75 1.59
C GLU C 231 -27.43 -26.63 2.11
N VAL C 232 -27.10 -25.39 1.75
CA VAL C 232 -27.94 -24.26 2.16
C VAL C 232 -29.31 -24.37 1.52
N MET C 233 -29.35 -24.58 0.20
CA MET C 233 -30.63 -24.63 -0.49
C MET C 233 -31.48 -25.79 0.01
N LYS C 234 -30.86 -26.96 0.24
CA LYS C 234 -31.61 -28.07 0.83
C LYS C 234 -32.15 -27.73 2.21
N ALA C 235 -31.31 -27.10 3.04
CA ALA C 235 -31.75 -26.72 4.39
C ALA C 235 -32.96 -25.81 4.33
N ILE C 236 -32.95 -24.82 3.44
CA ILE C 236 -34.05 -23.86 3.39
C ILE C 236 -35.36 -24.56 3.04
N ASN C 237 -35.35 -25.40 2.00
CA ASN C 237 -36.59 -26.06 1.59
C ASN C 237 -37.07 -27.02 2.68
N ASP C 238 -36.16 -27.71 3.35
CA ASP C 238 -36.56 -28.56 4.46
C ASP C 238 -37.07 -27.76 5.67
N GLY C 239 -37.03 -26.44 5.63
CA GLY C 239 -37.61 -25.62 6.67
C GLY C 239 -36.64 -25.09 7.71
N PHE C 240 -35.34 -25.24 7.48
CA PHE C 240 -34.34 -24.78 8.44
C PHE C 240 -34.11 -23.28 8.28
N ARG C 241 -33.87 -22.60 9.41
CA ARG C 241 -33.46 -21.20 9.40
C ARG C 241 -32.19 -21.02 10.21
N LEU C 242 -31.48 -19.93 9.94
CA LEU C 242 -30.32 -19.58 10.75
C LEU C 242 -30.71 -19.47 12.22
N PRO C 243 -29.84 -19.90 13.14
CA PRO C 243 -30.17 -19.86 14.58
C PRO C 243 -30.01 -18.47 15.18
N THR C 244 -30.56 -18.31 16.38
CA THR C 244 -30.48 -17.08 17.13
C THR C 244 -29.03 -16.75 17.48
N PRO C 245 -28.52 -15.59 17.10
CA PRO C 245 -27.18 -15.20 17.55
C PRO C 245 -27.19 -14.99 19.06
N MET C 246 -26.02 -15.17 19.66
CA MET C 246 -25.89 -14.95 21.09
C MET C 246 -26.20 -13.51 21.43
N ASP C 247 -27.00 -13.32 22.49
CA ASP C 247 -27.38 -12.00 22.98
C ASP C 247 -28.27 -11.22 22.02
N CYS C 248 -28.84 -11.89 21.02
CA CYS C 248 -29.77 -11.21 20.13
C CYS C 248 -31.15 -11.10 20.80
N PRO C 249 -31.77 -9.93 20.82
CA PRO C 249 -33.12 -9.83 21.38
C PRO C 249 -34.12 -10.74 20.67
N SER C 250 -35.03 -11.29 21.48
CA SER C 250 -36.12 -12.11 20.98
C SER C 250 -36.86 -11.45 19.81
N ALA C 251 -37.22 -10.17 19.98
CA ALA C 251 -37.99 -9.53 18.92
C ALA C 251 -37.16 -9.34 17.65
N ILE C 252 -35.84 -9.16 17.78
CA ILE C 252 -34.99 -9.01 16.60
C ILE C 252 -34.88 -10.32 15.85
N TYR C 253 -34.63 -11.42 16.58
CA TYR C 253 -34.56 -12.71 15.91
C TYR C 253 -35.89 -13.10 15.27
N GLN C 254 -37.00 -12.82 15.97
CA GLN C 254 -38.30 -13.14 15.39
C GLN C 254 -38.57 -12.30 14.15
N LEU C 255 -38.10 -11.05 14.14
CA LEU C 255 -38.19 -10.24 12.93
C LEU C 255 -37.41 -10.87 11.79
N MET C 256 -36.18 -11.35 12.05
CA MET C 256 -35.46 -12.15 11.04
C MET C 256 -36.33 -13.28 10.53
N MET C 257 -36.94 -14.06 11.45
CA MET C 257 -37.77 -15.19 11.03
C MET C 257 -38.93 -14.73 10.16
N GLN C 258 -39.52 -13.57 10.45
CA GLN C 258 -40.59 -13.06 9.61
C GLN C 258 -40.07 -12.75 8.21
N CYS C 259 -38.86 -12.16 8.13
CA CYS C 259 -38.26 -11.88 6.84
C CYS C 259 -38.02 -13.16 6.06
N TRP C 260 -37.87 -14.29 6.76
CA TRP C 260 -37.55 -15.56 6.11
C TRP C 260 -38.79 -16.44 5.94
N GLN C 261 -39.98 -15.84 5.87
CA GLN C 261 -41.18 -16.58 5.49
C GLN C 261 -41.01 -17.16 4.09
N GLN C 262 -41.42 -18.43 3.91
CA GLN C 262 -41.32 -19.04 2.59
C GLN C 262 -42.20 -18.33 1.57
N GLU C 263 -43.41 -17.96 1.96
CA GLU C 263 -44.29 -17.22 1.08
C GLU C 263 -43.97 -15.74 1.19
N ARG C 264 -43.60 -15.12 0.07
CA ARG C 264 -43.15 -13.73 0.09
C ARG C 264 -44.23 -12.79 0.58
N ALA C 265 -45.50 -13.13 0.37
CA ALA C 265 -46.58 -12.27 0.82
C ALA C 265 -46.66 -12.17 2.34
N ARG C 266 -46.10 -13.15 3.07
CA ARG C 266 -46.13 -13.07 4.52
C ARG C 266 -45.00 -12.23 5.11
N ARG C 267 -43.97 -11.91 4.33
CA ARG C 267 -42.86 -11.13 4.86
C ARG C 267 -43.32 -9.70 5.17
N PRO C 268 -42.77 -9.08 6.22
CA PRO C 268 -43.08 -7.67 6.46
C PRO C 268 -42.56 -6.83 5.29
N LYS C 269 -43.14 -5.64 5.16
CA LYS C 269 -42.57 -4.65 4.24
C LYS C 269 -41.47 -3.87 4.95
N PHE C 270 -40.61 -3.23 4.15
CA PHE C 270 -39.60 -2.39 4.78
C PHE C 270 -40.21 -1.30 5.63
N ALA C 271 -41.39 -0.78 5.23
CA ALA C 271 -42.10 0.17 6.09
C ALA C 271 -42.42 -0.45 7.45
N ASP C 272 -42.88 -1.71 7.46
CA ASP C 272 -43.13 -2.39 8.73
C ASP C 272 -41.85 -2.56 9.53
N ILE C 273 -40.77 -2.98 8.85
CA ILE C 273 -39.49 -3.19 9.52
C ILE C 273 -39.01 -1.91 10.19
N VAL C 274 -39.02 -0.79 9.46
CA VAL C 274 -38.66 0.48 10.07
C VAL C 274 -39.52 0.76 11.30
N SER C 275 -40.84 0.56 11.18
CA SER C 275 -41.73 0.88 12.29
C SER C 275 -41.42 0.03 13.52
N ILE C 276 -41.21 -1.28 13.31
CA ILE C 276 -40.90 -2.18 14.40
C ILE C 276 -39.59 -1.79 15.08
N LEU C 277 -38.53 -1.56 14.29
CA LEU C 277 -37.24 -1.21 14.89
C LEU C 277 -37.33 0.10 15.67
N ASP C 278 -38.09 1.07 15.18
CA ASP C 278 -38.24 2.32 15.93
C ASP C 278 -38.93 2.08 17.27
N LYS C 279 -39.97 1.23 17.27
CA LYS C 279 -40.64 0.87 18.52
C LYS C 279 -39.66 0.21 19.49
N LEU C 280 -38.79 -0.68 18.99
CA LEU C 280 -37.84 -1.35 19.87
C LEU C 280 -36.85 -0.36 20.45
N ILE C 281 -36.42 0.61 19.63
CA ILE C 281 -35.46 1.60 20.08
C ILE C 281 -36.09 2.53 21.13
N ARG C 282 -37.38 2.79 21.03
CA ARG C 282 -38.02 3.64 22.02
C ARG C 282 -38.39 2.91 23.30
N ALA C 283 -38.30 1.58 23.30
CA ALA C 283 -38.49 0.75 24.49
C ALA C 283 -37.21 -0.07 24.68
N PRO C 284 -36.10 0.59 25.02
CA PRO C 284 -34.79 -0.07 24.90
C PRO C 284 -34.58 -1.25 25.85
N ASP C 285 -35.41 -1.40 26.87
CA ASP C 285 -35.30 -2.60 27.71
C ASP C 285 -35.55 -3.87 26.89
N SER C 286 -36.39 -3.78 25.85
CA SER C 286 -36.63 -4.90 24.94
C SER C 286 -35.37 -5.38 24.22
N LEU C 287 -34.29 -4.61 24.26
CA LEU C 287 -33.05 -4.95 23.58
C LEU C 287 -31.92 -5.30 24.55
N LYS C 288 -32.21 -5.37 25.86
CA LYS C 288 -31.19 -5.67 26.85
C LYS C 288 -31.01 -7.18 26.97
N THR C 289 -29.82 -7.58 27.38
CA THR C 289 -29.48 -8.97 27.60
C THR C 289 -29.05 -9.14 29.05
N LEU C 290 -28.60 -10.35 29.40
CA LEU C 290 -28.28 -10.64 30.79
C LEU C 290 -27.20 -9.71 31.33
N ALA C 291 -26.19 -9.42 30.53
CA ALA C 291 -25.10 -8.55 31.01
C ALA C 291 -25.62 -7.17 31.38
N ASP C 292 -26.70 -6.70 30.77
CA ASP C 292 -27.26 -5.41 31.18
C ASP C 292 -27.89 -5.43 32.57
N PHE C 293 -28.23 -6.61 33.10
CA PHE C 293 -28.81 -6.71 34.42
C PHE C 293 -27.85 -7.27 35.46
N ASP C 294 -26.73 -7.83 35.03
CA ASP C 294 -25.71 -8.36 35.92
C ASP C 294 -24.40 -8.33 35.16
N PRO C 295 -23.70 -7.20 35.19
CA PRO C 295 -22.57 -7.02 34.26
C PRO C 295 -21.48 -8.07 34.39
N ARG C 296 -21.41 -8.76 35.53
CA ARG C 296 -20.40 -9.80 35.74
C ARG C 296 -20.50 -10.91 34.69
C26 A5B D . 23.25 -10.15 23.62
O2 A5B D . 24.31 -9.26 24.04
C24 A5B D . 24.78 -8.40 23.10
C25 A5B D . 24.39 -8.46 21.76
C23 A5B D . 25.72 -7.46 23.55
C27 A5B D . 26.13 -7.33 24.88
O4 A5B D . 27.22 -6.81 25.18
O3 A5B D . 25.34 -7.61 25.82
C22 A5B D . 26.23 -6.56 22.62
C21 A5B D . 25.85 -6.63 21.29
C20 A5B D . 24.92 -7.56 20.83
N4 A5B D . 24.65 -7.48 19.51
C12 A5B D . 23.70 -8.15 18.83
N3 A5B D . 23.05 -9.23 19.31
N2 A5B D . 23.46 -7.72 17.57
C11 A5B D . 22.50 -8.36 16.78
C10 A5B D . 21.83 -9.44 17.30
C9 A5B D . 20.92 -9.99 16.39
N1 A5B D . 19.59 -10.14 17.02
C13 A5B D . 22.11 -9.85 18.60
C14 A5B D . 21.52 -10.94 19.22
C19 A5B D . 22.36 -11.60 20.13
C18 A5B D . 21.89 -12.73 20.79
C17 A5B D . 20.60 -13.19 20.55
CL1 A5B D . 19.99 -14.61 21.37
C16 A5B D . 19.76 -12.52 19.67
C15 A5B D . 20.23 -11.41 18.99
C8 A5B D . 19.29 -10.81 18.13
C7 A5B D . 17.96 -10.72 18.54
C6 A5B D . 17.61 -10.00 19.70
F1 A5B D . 18.61 -9.38 20.52
C5 A5B D . 16.28 -9.91 20.09
C4 A5B D . 15.29 -10.51 19.32
C3 A5B D . 15.63 -11.20 18.16
C2 A5B D . 16.96 -11.29 17.78
O1 A5B D . 17.37 -11.94 16.68
C1 A5B D . 16.46 -11.74 15.61
C1 EDO E . 29.22 -9.36 22.70
O1 EDO E . 30.28 -8.40 22.68
C2 EDO E . 29.07 -9.92 24.10
O2 EDO E . 28.03 -10.91 24.12
C1 EDO F . 0.62 4.08 11.69
O1 EDO F . 0.59 5.50 11.93
C2 EDO F . -0.49 3.41 12.51
O2 EDO F . -0.20 3.43 13.93
C1 EDO G . 22.67 8.87 15.79
O1 EDO G . 23.58 9.90 16.18
C2 EDO G . 21.30 9.23 16.36
O2 EDO G . 21.47 9.64 17.72
C1 EDO H . -2.96 11.79 19.73
O1 EDO H . -4.26 11.83 19.11
C2 EDO H . -3.12 11.53 21.23
O2 EDO H . -4.08 10.48 21.43
C1 EDO I . -5.82 10.10 16.95
O1 EDO I . -6.32 9.30 18.02
C2 EDO I . -5.49 9.21 15.75
O2 EDO I . -4.73 9.94 14.76
C1 EDO J . 8.78 8.43 9.70
O1 EDO J . 9.49 9.67 9.46
C2 EDO J . 9.49 7.23 9.07
O2 EDO J . 8.66 6.06 9.26
C26 A5B K . 6.23 11.46 -31.32
O2 A5B K . 5.26 10.57 -31.89
C24 A5B K . 5.80 9.48 -32.53
C25 A5B K . 7.18 9.32 -32.75
C23 A5B K . 4.87 8.51 -32.97
C27 A5B K . 3.48 8.59 -32.75
O4 A5B K . 2.68 8.10 -33.57
O3 A5B K . 3.03 9.09 -31.67
C22 A5B K . 5.37 7.39 -33.62
C21 A5B K . 6.75 7.24 -33.84
C20 A5B K . 7.67 8.19 -33.40
N4 A5B K . 8.96 7.91 -33.67
C12 A5B K . 10.04 8.57 -33.23
N3 A5B K . 10.00 9.76 -32.60
N2 A5B K . 11.23 7.97 -33.48
C11 A5B K . 12.44 8.55 -33.06
C10 A5B K . 12.36 9.78 -32.41
C9 A5B K . 13.64 10.30 -32.05
N1 A5B K . 13.65 10.64 -30.60
C13 A5B K . 11.12 10.36 -32.17
C14 A5B K . 10.95 11.61 -31.54
C19 A5B K . 9.86 12.33 -32.03
C18 A5B K . 9.59 13.63 -31.55
C17 A5B K . 10.41 14.17 -30.57
CL1 A5B K . 10.09 15.80 -29.95
C16 A5B K . 11.49 13.44 -30.06
C15 A5B K . 11.78 12.17 -30.58
C8 A5B K . 12.87 11.52 -29.96
C7 A5B K . 13.03 11.60 -28.56
C6 A5B K . 12.00 11.13 -27.75
F1 A5B K . 10.83 10.64 -28.34
C5 A5B K . 12.07 11.16 -26.36
C4 A5B K . 13.20 11.66 -25.74
C3 A5B K . 14.27 12.11 -26.52
C2 A5B K . 14.16 12.05 -27.92
O1 A5B K . 15.17 12.48 -28.71
C1 A5B K . 16.39 12.42 -27.98
C1 EDO L . 0.11 6.48 -0.83
O1 EDO L . -0.98 7.08 -0.12
C2 EDO L . -0.41 5.63 -1.99
O2 EDO L . 0.71 5.11 -2.72
C1 EDO M . 11.36 -8.22 -30.19
O1 EDO M . 10.56 -8.64 -29.08
C2 EDO M . 10.79 -8.86 -31.44
O2 EDO M . 9.99 -9.97 -30.99
C1 EDO N . -3.68 3.71 -18.34
O1 EDO N . -3.69 3.75 -19.78
C2 EDO N . -4.37 4.94 -17.74
O2 EDO N . -3.95 6.14 -18.40
C1 EDO O . 14.55 0.49 -36.20
O1 EDO O . 14.66 0.14 -34.79
C2 EDO O . 13.13 0.31 -36.74
O2 EDO O . 12.73 -1.08 -36.69
C1 EDO P . -8.12 1.77 -25.96
O1 EDO P . -6.99 2.27 -25.23
C2 EDO P . -8.37 2.64 -27.19
O2 EDO P . -7.14 2.86 -27.89
C1 EDO Q . 26.26 4.70 -32.52
O1 EDO Q . 24.92 4.79 -32.01
C2 EDO Q . 26.38 3.51 -33.47
O2 EDO Q . 26.16 2.30 -32.73
C1 EDO R . 3.04 11.96 -35.88
O1 EDO R . 3.27 13.01 -34.92
C2 EDO R . 4.14 10.91 -35.75
O2 EDO R . 4.18 10.04 -36.90
C1 EDO S . 35.92 1.48 -32.79
O1 EDO S . 35.66 1.79 -31.41
C2 EDO S . 35.27 2.53 -33.69
O2 EDO S . 35.46 3.84 -33.15
C1 EDO T . 25.17 -2.56 -13.20
O1 EDO T . 24.48 -3.79 -12.90
C2 EDO T . 24.97 -1.55 -12.06
O2 EDO T . 23.57 -1.30 -11.85
C26 A5B U . -12.01 -1.26 1.11
O2 A5B U . -11.75 -1.11 2.52
C24 A5B U . -12.11 0.12 2.99
C25 A5B U . -12.90 0.99 2.24
C23 A5B U . -11.68 0.44 4.28
C27 A5B U . -10.89 -0.42 5.05
O4 A5B U . -10.11 0.05 5.91
O3 A5B U . -10.98 -1.66 4.94
C22 A5B U . -12.02 1.68 4.80
C21 A5B U . -12.81 2.56 4.04
C20 A5B U . -13.26 2.23 2.77
N4 A5B U . -14.01 3.17 2.15
C12 A5B U . -14.70 3.07 1.01
N3 A5B U . -14.52 2.08 0.11
N2 A5B U . -15.59 4.05 0.76
C11 A5B U . -16.35 4.07 -0.39
C10 A5B U . -16.16 3.03 -1.30
C9 A5B U . -16.97 3.13 -2.44
N1 A5B U . -17.67 1.84 -2.66
C13 A5B U . -15.23 2.04 -1.02
C14 A5B U . -14.94 0.95 -1.85
C19 A5B U . -13.61 0.54 -1.82
C18 A5B U . -13.20 -0.52 -2.65
C17 A5B U . -14.12 -1.17 -3.47
CL1 A5B U . -13.62 -2.54 -4.55
C16 A5B U . -15.44 -0.75 -3.50
C15 A5B U . -15.84 0.31 -2.69
C8 A5B U . -17.18 0.60 -2.79
C7 A5B U . -18.11 -0.46 -2.86
C6 A5B U . -18.19 -1.38 -1.80
F1 A5B U . -17.36 -1.28 -0.67
C5 A5B U . -19.10 -2.43 -1.83
C4 A5B U . -19.95 -2.58 -2.92
C3 A5B U . -19.89 -1.68 -3.99
C2 A5B U . -18.97 -0.63 -3.93
O1 A5B U . -18.88 0.29 -4.93
C1 A5B U . -20.17 0.48 -5.50
C1 EDO V . -25.16 13.07 -9.91
O1 EDO V . -24.13 13.97 -9.48
C2 EDO V . -26.45 13.37 -9.14
O2 EDO V . -27.59 13.02 -9.95
C1 EDO W . -8.67 2.64 2.54
O1 EDO W . -8.02 3.29 3.65
C2 EDO W . -8.49 1.13 2.61
O2 EDO W . -7.17 0.75 2.21
C1 EDO X . -25.40 -5.82 -9.90
O1 EDO X . -26.03 -4.93 -8.97
C2 EDO X . -24.66 -6.91 -9.16
O2 EDO X . -24.77 -8.17 -9.85
C1 EDO Y . -41.87 -0.80 0.99
O1 EDO Y . -42.11 -0.66 2.40
C2 EDO Y . -42.04 -2.24 0.56
O2 EDO Y . -41.14 -3.13 1.26
C1 EDO Z . -46.27 -8.15 8.82
O1 EDO Z . -46.92 -7.00 9.37
C2 EDO Z . -45.45 -8.85 9.91
O2 EDO Z . -44.75 -9.97 9.35
#